data_8Y4W
#
_entry.id   8Y4W
#
_cell.length_a   1.00
_cell.length_b   1.00
_cell.length_c   1.00
_cell.angle_alpha   90.00
_cell.angle_beta   90.00
_cell.angle_gamma   90.00
#
_symmetry.space_group_name_H-M   'P 1'
#
loop_
_entity.id
_entity.type
_entity.pdbx_description
1 polymer 'N-acetylneuraminate transporter small subunit'
2 polymer 'FnTRAP specific nanobody'
3 non-polymer 'SODIUM ION'
4 non-polymer PHOSPHATIDYLETHANOLAMINE
5 non-polymer 'N-acetyl-beta-neuraminic acid'
#
loop_
_entity_poly.entity_id
_entity_poly.type
_entity_poly.pdbx_seq_one_letter_code
_entity_poly.pdbx_strand_id
1 'polypeptide(L)'
;MGGSHHHHHHGSWSHPQFEKASMTGGQQMGRDLYDDDDKDRWGSELEMKVFNKLEEWLGGSLFIGMFVILVMQIFSRQIF
NSPLIWSEELSRLIFVYVGLLGVSMGIRSQQHIMIDFLYAKFPKSMQKIIFTIIQILILACLIFFLYFGYDLFIKKEEIE
IVSLGISMKWMYLALPLITLLMLVRFYQAYSENYAQNKVYIKPIFILALMIILVLIAFIKPELFKILKLSNYFDLGEMTI
YYVLIAWLVMIFFGVPVGWSLLVACILYFALTRWKVVYFAADKLVYSLDSFSLLSVPFFILTGILMNGAGITERIFNFAK
AMLGHYTGGMGHVNVAASLIFSGMSGSAIADAGGLGQLEIKAMRDEGYDDDICGGLTAASCIIGPLVPPSISMIIYGVIA
NQSIAKLFLAGFVPGFLTTIALMIMNYFVCKKRGYKKTAKASPKERWIAFKKSFWALLTPILIIGGIFSGIFTPTEAAVI
ATFYSIILGGFIYKELTVKSFFKHCVEAVAISGVTVLMIMTVTFFGDIIAREQVAMRVAEIFIKYATSPMMVLVMINLLL
LFLGMFIDALALQFLVLPMLIPIAEQVGIDLVFFGVMTTLNMMIGILTPPMGMALFVVAQVGKMSVSTVAKGVLPFLLPI
FITLVIITIFPQIILFLPNLIVGG
;
A
2 'polypeptide(L)'
;QVQLQESGGGLVQAGGSLRLSCTTSGFNFDDYAIGWFRQAPGKEREGVSCIHCTAYTPYYARSVRDRFTISSDNATNTVF
LQMNNLRPEDTAVYYCVADATRYPYPEFYDYVGQGTQVTVSSHHHHHH
;
B
#
# COMPACT_ATOMS: atom_id res chain seq x y z
N MET A 48 8.17 0.90 -33.82
CA MET A 48 8.46 2.32 -33.88
C MET A 48 9.05 2.81 -32.56
N LYS A 49 9.18 4.13 -32.43
CA LYS A 49 9.65 4.76 -31.21
C LYS A 49 8.52 5.43 -30.42
N VAL A 50 7.51 5.96 -31.10
CA VAL A 50 6.34 6.49 -30.41
C VAL A 50 5.55 5.36 -29.74
N PHE A 51 5.75 4.12 -30.18
CA PHE A 51 5.17 2.97 -29.49
C PHE A 51 6.02 2.51 -28.33
N ASN A 52 7.35 2.59 -28.45
CA ASN A 52 8.21 2.28 -27.31
C ASN A 52 7.99 3.27 -26.18
N LYS A 53 7.88 4.55 -26.50
CA LYS A 53 7.47 5.56 -25.52
C LYS A 53 5.99 5.86 -25.71
N LEU A 54 5.16 4.91 -25.27
CA LEU A 54 3.71 5.01 -25.39
C LEU A 54 3.03 5.24 -24.05
N GLU A 55 3.37 4.43 -23.05
CA GLU A 55 2.83 4.64 -21.71
C GLU A 55 3.22 6.01 -21.18
N GLU A 56 4.42 6.50 -21.55
CA GLU A 56 4.84 7.82 -21.12
C GLU A 56 3.84 8.89 -21.54
N TRP A 57 3.67 9.07 -22.85
CA TRP A 57 2.80 10.15 -23.33
C TRP A 57 1.33 9.86 -23.14
N LEU A 58 0.94 8.61 -22.89
CA LEU A 58 -0.46 8.34 -22.60
C LEU A 58 -0.79 8.59 -21.13
N GLY A 59 0.03 8.05 -20.23
CA GLY A 59 -0.18 8.28 -18.80
C GLY A 59 -0.01 9.73 -18.41
N GLY A 60 0.98 10.42 -18.99
CA GLY A 60 1.13 11.83 -18.68
C GLY A 60 -0.09 12.64 -19.09
N SER A 61 -0.60 12.41 -20.29
CA SER A 61 -1.78 13.14 -20.76
C SER A 61 -3.01 12.80 -19.93
N LEU A 62 -3.20 11.52 -19.60
CA LEU A 62 -4.34 11.14 -18.77
C LEU A 62 -4.22 11.73 -17.37
N PHE A 63 -3.00 11.78 -16.83
CA PHE A 63 -2.79 12.37 -15.52
C PHE A 63 -3.10 13.87 -15.53
N ILE A 64 -2.68 14.58 -16.58
CA ILE A 64 -3.01 15.99 -16.68
C ILE A 64 -4.51 16.20 -16.80
N GLY A 65 -5.18 15.34 -17.57
CA GLY A 65 -6.63 15.44 -17.67
C GLY A 65 -7.33 15.19 -16.35
N MET A 66 -6.89 14.18 -15.61
CA MET A 66 -7.45 13.89 -14.30
C MET A 66 -7.24 15.06 -13.34
N PHE A 67 -6.04 15.65 -13.37
CA PHE A 67 -5.74 16.80 -12.54
C PHE A 67 -6.64 17.97 -12.87
N VAL A 68 -6.87 18.23 -14.16
CA VAL A 68 -7.74 19.33 -14.57
C VAL A 68 -9.17 19.08 -14.10
N ILE A 69 -9.66 17.84 -14.25
CA ILE A 69 -11.01 17.53 -13.82
C ILE A 69 -11.16 17.75 -12.31
N LEU A 70 -10.18 17.27 -11.54
CA LEU A 70 -10.28 17.41 -10.09
C LEU A 70 -10.20 18.86 -9.65
N VAL A 71 -9.33 19.66 -10.27
CA VAL A 71 -9.24 21.07 -9.86
C VAL A 71 -10.49 21.83 -10.27
N MET A 72 -11.08 21.48 -11.41
CA MET A 72 -12.37 22.06 -11.79
C MET A 72 -13.44 21.72 -10.77
N GLN A 73 -13.47 20.46 -10.31
CA GLN A 73 -14.43 20.07 -9.29
C GLN A 73 -14.24 20.87 -8.01
N ILE A 74 -12.99 21.01 -7.57
CA ILE A 74 -12.70 21.71 -6.32
C ILE A 74 -13.14 23.17 -6.42
N PHE A 75 -12.80 23.84 -7.52
CA PHE A 75 -13.19 25.24 -7.68
C PHE A 75 -14.69 25.38 -7.77
N SER A 76 -15.33 24.57 -8.62
CA SER A 76 -16.77 24.66 -8.80
C SER A 76 -17.56 24.28 -7.56
N ARG A 77 -16.93 23.59 -6.61
CA ARG A 77 -17.60 23.28 -5.35
C ARG A 77 -17.30 24.28 -4.24
N GLN A 78 -16.13 24.92 -4.26
CA GLN A 78 -15.77 25.83 -3.18
C GLN A 78 -16.09 27.28 -3.51
N ILE A 79 -15.63 27.78 -4.65
CA ILE A 79 -15.76 29.20 -4.96
C ILE A 79 -17.23 29.58 -5.06
N PHE A 80 -18.02 28.77 -5.76
CA PHE A 80 -19.45 29.00 -5.89
C PHE A 80 -20.18 27.68 -5.67
N ASN A 81 -21.39 27.76 -5.15
CA ASN A 81 -22.14 26.55 -4.82
C ASN A 81 -22.74 25.92 -6.06
N SER A 82 -22.00 25.02 -6.69
CA SER A 82 -22.45 24.30 -7.87
C SER A 82 -21.64 23.02 -8.02
N PRO A 83 -21.89 22.01 -7.18
CA PRO A 83 -21.05 20.81 -7.22
C PRO A 83 -21.21 20.05 -8.52
N LEU A 84 -20.12 19.40 -8.93
CA LEU A 84 -20.10 18.57 -10.13
C LEU A 84 -20.31 17.11 -9.73
N ILE A 85 -21.26 16.45 -10.38
CA ILE A 85 -21.58 15.07 -10.04
C ILE A 85 -20.70 14.06 -10.76
N TRP A 86 -20.15 14.44 -11.91
CA TRP A 86 -19.43 13.53 -12.77
C TRP A 86 -17.91 13.61 -12.60
N SER A 87 -17.42 14.30 -11.58
CA SER A 87 -15.99 14.55 -11.47
C SER A 87 -15.24 13.40 -10.80
N GLU A 88 -15.73 12.94 -9.65
CA GLU A 88 -14.99 11.91 -8.89
C GLU A 88 -14.94 10.59 -9.64
N GLU A 89 -16.08 10.15 -10.17
CA GLU A 89 -16.12 8.86 -10.85
C GLU A 89 -15.32 8.90 -12.15
N LEU A 90 -15.39 10.00 -12.88
CA LEU A 90 -14.57 10.13 -14.09
C LEU A 90 -13.09 10.14 -13.74
N SER A 91 -12.71 10.82 -12.65
CA SER A 91 -11.31 10.84 -12.23
C SER A 91 -10.82 9.45 -11.87
N ARG A 92 -11.63 8.68 -11.14
CA ARG A 92 -11.22 7.32 -10.78
C ARG A 92 -11.16 6.40 -11.99
N LEU A 93 -12.09 6.58 -12.93
CA LEU A 93 -12.05 5.82 -14.17
C LEU A 93 -10.77 6.11 -14.95
N ILE A 94 -10.35 7.36 -15.00
CA ILE A 94 -9.09 7.70 -15.64
C ILE A 94 -7.91 7.12 -14.87
N PHE A 95 -7.99 7.14 -13.54
CA PHE A 95 -6.88 6.69 -12.73
C PHE A 95 -6.65 5.19 -12.86
N VAL A 96 -7.69 4.41 -13.14
CA VAL A 96 -7.48 2.98 -13.39
C VAL A 96 -6.50 2.79 -14.54
N TYR A 97 -6.76 3.48 -15.67
CA TYR A 97 -5.87 3.40 -16.81
C TYR A 97 -4.49 3.94 -16.49
N VAL A 98 -4.42 5.05 -15.75
CA VAL A 98 -3.13 5.65 -15.43
C VAL A 98 -2.29 4.67 -14.61
N GLY A 99 -2.90 4.05 -13.60
CA GLY A 99 -2.17 3.11 -12.77
C GLY A 99 -1.72 1.88 -13.54
N LEU A 100 -2.56 1.36 -14.42
CA LEU A 100 -2.14 0.19 -15.20
C LEU A 100 -1.02 0.55 -16.19
N LEU A 101 -1.06 1.75 -16.75
CA LEU A 101 0.05 2.20 -17.60
C LEU A 101 1.34 2.32 -16.79
N GLY A 102 1.25 2.81 -15.56
CA GLY A 102 2.42 2.85 -14.70
C GLY A 102 2.96 1.47 -14.39
N VAL A 103 2.06 0.50 -14.19
CA VAL A 103 2.48 -0.88 -13.96
C VAL A 103 3.22 -1.43 -15.19
N SER A 104 2.72 -1.10 -16.39
CA SER A 104 3.40 -1.51 -17.61
C SER A 104 4.79 -0.90 -17.70
N MET A 105 4.92 0.38 -17.34
CA MET A 105 6.24 1.02 -17.32
C MET A 105 7.17 0.31 -16.35
N GLY A 106 6.66 -0.05 -15.17
CA GLY A 106 7.48 -0.76 -14.21
C GLY A 106 7.92 -2.12 -14.70
N ILE A 107 7.04 -2.82 -15.41
CA ILE A 107 7.42 -4.11 -16.00
C ILE A 107 8.53 -3.91 -17.01
N ARG A 108 8.40 -2.89 -17.87
CA ARG A 108 9.43 -2.65 -18.87
C ARG A 108 10.78 -2.32 -18.24
N SER A 109 10.77 -1.48 -17.20
CA SER A 109 12.01 -1.04 -16.57
C SER A 109 12.57 -2.04 -15.57
N GLN A 110 11.83 -3.10 -15.26
CA GLN A 110 12.19 -4.06 -14.21
C GLN A 110 12.42 -3.34 -12.87
N GLN A 111 11.51 -2.44 -12.55
CA GLN A 111 11.59 -1.61 -11.35
C GLN A 111 10.43 -1.88 -10.40
N HIS A 112 10.05 -3.13 -10.25
CA HIS A 112 9.08 -3.54 -9.24
C HIS A 112 9.84 -4.06 -8.03
N ILE A 113 9.31 -3.77 -6.83
CA ILE A 113 10.06 -3.97 -5.60
C ILE A 113 10.23 -5.46 -5.35
N MET A 114 11.47 -5.86 -5.07
CA MET A 114 11.82 -7.24 -4.74
C MET A 114 12.72 -7.24 -3.51
N ILE A 115 13.07 -8.43 -3.05
CA ILE A 115 13.94 -8.60 -1.88
C ILE A 115 15.15 -9.40 -2.35
N ASP A 116 16.27 -8.70 -2.57
CA ASP A 116 17.49 -9.31 -3.08
C ASP A 116 18.50 -9.58 -1.98
N PHE A 117 18.06 -9.71 -0.74
CA PHE A 117 18.97 -9.98 0.37
C PHE A 117 19.64 -11.33 0.21
N LEU A 118 18.86 -12.38 -0.03
CA LEU A 118 19.40 -13.72 -0.22
C LEU A 118 19.67 -14.04 -1.68
N TYR A 119 18.97 -13.37 -2.61
CA TYR A 119 19.19 -13.63 -4.03
C TYR A 119 20.59 -13.18 -4.46
N ALA A 120 21.07 -12.06 -3.94
CA ALA A 120 22.36 -11.53 -4.36
C ALA A 120 23.51 -12.43 -3.94
N LYS A 121 23.34 -13.21 -2.87
CA LYS A 121 24.42 -14.04 -2.37
C LYS A 121 24.59 -15.34 -3.14
N PHE A 122 23.69 -15.64 -4.07
CA PHE A 122 23.79 -16.87 -4.83
C PHE A 122 24.98 -16.80 -5.80
N PRO A 123 25.61 -17.93 -6.09
CA PRO A 123 26.62 -17.95 -7.15
C PRO A 123 26.00 -17.63 -8.49
N LYS A 124 26.80 -17.02 -9.37
CA LYS A 124 26.28 -16.56 -10.65
C LYS A 124 25.75 -17.71 -11.49
N SER A 125 26.40 -18.87 -11.44
CA SER A 125 25.91 -20.03 -12.18
C SER A 125 24.55 -20.47 -11.70
N MET A 126 24.33 -20.43 -10.39
CA MET A 126 23.03 -20.77 -9.80
C MET A 126 22.07 -19.59 -9.77
N GLN A 127 22.52 -18.40 -10.16
CA GLN A 127 21.69 -17.20 -10.15
C GLN A 127 20.91 -17.01 -11.44
N LYS A 128 21.14 -17.86 -12.45
CA LYS A 128 20.43 -17.75 -13.71
C LYS A 128 19.17 -18.59 -13.75
N ILE A 129 19.21 -19.79 -13.15
CA ILE A 129 18.02 -20.64 -13.12
C ILE A 129 16.91 -19.96 -12.35
N ILE A 130 17.25 -19.36 -11.20
CA ILE A 130 16.26 -18.68 -10.37
C ILE A 130 15.65 -17.50 -11.11
N PHE A 131 16.48 -16.72 -11.80
CA PHE A 131 15.96 -15.57 -12.54
C PHE A 131 15.07 -16.01 -13.69
N THR A 132 15.43 -17.10 -14.37
CA THR A 132 14.58 -17.62 -15.44
C THR A 132 13.23 -18.06 -14.89
N ILE A 133 13.23 -18.73 -13.74
CA ILE A 133 11.97 -19.14 -13.13
C ILE A 133 11.15 -17.93 -12.72
N ILE A 134 11.81 -16.88 -12.23
CA ILE A 134 11.10 -15.65 -11.87
C ILE A 134 10.43 -15.04 -13.08
N GLN A 135 11.15 -15.00 -14.22
CA GLN A 135 10.56 -14.46 -15.44
C GLN A 135 9.35 -15.28 -15.89
N ILE A 136 9.46 -16.61 -15.78
CA ILE A 136 8.33 -17.47 -16.16
C ILE A 136 7.13 -17.21 -15.25
N LEU A 137 7.38 -17.01 -13.95
CA LEU A 137 6.29 -16.69 -13.03
C LEU A 137 5.63 -15.36 -13.37
N ILE A 138 6.43 -14.36 -13.76
CA ILE A 138 5.86 -13.08 -14.18
C ILE A 138 4.99 -13.26 -15.42
N LEU A 139 5.45 -14.09 -16.37
CA LEU A 139 4.64 -14.38 -17.56
C LEU A 139 3.31 -15.02 -17.18
N ALA A 140 3.35 -15.97 -16.24
CA ALA A 140 2.11 -16.60 -15.79
C ALA A 140 1.17 -15.58 -15.16
N CYS A 141 1.71 -14.66 -14.37
CA CYS A 141 0.87 -13.62 -13.77
C CYS A 141 0.25 -12.72 -14.83
N LEU A 142 1.02 -12.37 -15.87
CA LEU A 142 0.48 -11.53 -16.93
C LEU A 142 -0.65 -12.24 -17.68
N ILE A 143 -0.50 -13.54 -17.93
CA ILE A 143 -1.55 -14.28 -18.60
C ILE A 143 -2.80 -14.39 -17.72
N PHE A 144 -2.60 -14.59 -16.41
CA PHE A 144 -3.73 -14.51 -15.48
C PHE A 144 -4.44 -13.18 -15.59
N PHE A 145 -3.68 -12.09 -15.58
CA PHE A 145 -4.27 -10.76 -15.71
C PHE A 145 -5.10 -10.65 -16.98
N LEU A 146 -4.54 -11.07 -18.11
CA LEU A 146 -5.23 -10.93 -19.38
C LEU A 146 -6.54 -11.73 -19.39
N TYR A 147 -6.47 -13.01 -19.04
CA TYR A 147 -7.65 -13.87 -19.11
C TYR A 147 -8.73 -13.38 -18.14
N PHE A 148 -8.37 -13.17 -16.88
CA PHE A 148 -9.38 -12.81 -15.89
C PHE A 148 -9.72 -11.33 -15.90
N GLY A 149 -9.09 -10.53 -16.75
CA GLY A 149 -9.56 -9.18 -16.96
C GLY A 149 -10.52 -9.15 -18.13
N TYR A 150 -10.25 -9.97 -19.14
CA TYR A 150 -11.20 -10.09 -20.25
C TYR A 150 -12.51 -10.67 -19.78
N ASP A 151 -12.46 -11.67 -18.88
CA ASP A 151 -13.71 -12.23 -18.35
C ASP A 151 -14.52 -11.18 -17.60
N LEU A 152 -13.87 -10.37 -16.77
CA LEU A 152 -14.58 -9.32 -16.04
C LEU A 152 -15.13 -8.27 -17.00
N PHE A 153 -14.36 -7.93 -18.04
CA PHE A 153 -14.84 -6.95 -19.02
C PHE A 153 -16.08 -7.45 -19.73
N ILE A 154 -16.10 -8.74 -20.10
CA ILE A 154 -17.23 -9.30 -20.82
C ILE A 154 -18.39 -9.67 -19.90
N LYS A 155 -18.16 -9.72 -18.59
CA LYS A 155 -19.21 -10.08 -17.63
C LYS A 155 -19.90 -8.88 -17.01
N LYS A 156 -19.44 -7.65 -17.27
CA LYS A 156 -20.00 -6.47 -16.64
C LYS A 156 -20.51 -5.47 -17.67
N GLU A 157 -20.95 -5.96 -18.84
CA GLU A 157 -21.46 -5.08 -19.87
C GLU A 157 -22.83 -4.50 -19.54
N GLU A 158 -23.49 -5.00 -18.49
CA GLU A 158 -24.83 -4.54 -18.15
C GLU A 158 -24.86 -3.60 -16.95
N ILE A 159 -23.80 -3.57 -16.13
CA ILE A 159 -23.76 -2.64 -15.02
C ILE A 159 -23.50 -1.24 -15.53
N GLU A 160 -24.20 -0.25 -14.97
CA GLU A 160 -24.13 1.13 -15.41
C GLU A 160 -23.45 1.99 -14.35
N ILE A 161 -22.66 2.96 -14.80
CA ILE A 161 -22.13 4.00 -13.94
C ILE A 161 -23.17 5.11 -13.90
N VAL A 162 -23.76 5.33 -12.72
CA VAL A 162 -24.96 6.18 -12.63
C VAL A 162 -24.64 7.62 -13.02
N SER A 163 -23.52 8.16 -12.51
CA SER A 163 -23.23 9.58 -12.75
C SER A 163 -22.78 9.82 -14.19
N LEU A 164 -21.91 8.96 -14.72
CA LEU A 164 -21.42 9.13 -16.08
C LEU A 164 -22.40 8.61 -17.12
N GLY A 165 -23.37 7.80 -16.74
CA GLY A 165 -24.27 7.20 -17.72
C GLY A 165 -23.56 6.29 -18.70
N ILE A 166 -22.59 5.52 -18.22
CA ILE A 166 -21.78 4.65 -19.06
C ILE A 166 -21.66 3.30 -18.39
N SER A 167 -21.36 2.28 -19.18
CA SER A 167 -21.28 0.92 -18.66
C SER A 167 -20.02 0.74 -17.82
N MET A 168 -20.15 -0.09 -16.77
CA MET A 168 -19.02 -0.38 -15.90
C MET A 168 -18.14 -1.44 -16.55
N LYS A 169 -17.79 -1.23 -17.81
CA LYS A 169 -16.88 -2.13 -18.50
C LYS A 169 -15.73 -1.32 -19.08
N TRP A 170 -15.98 -0.04 -19.35
CA TRP A 170 -14.92 0.87 -19.75
C TRP A 170 -13.90 1.07 -18.64
N MET A 171 -14.28 0.81 -17.39
CA MET A 171 -13.31 0.73 -16.31
C MET A 171 -12.67 -0.64 -16.22
N TYR A 172 -13.38 -1.69 -16.63
CA TYR A 172 -12.82 -3.04 -16.65
C TYR A 172 -12.17 -3.38 -17.98
N LEU A 173 -12.30 -2.52 -18.99
CA LEU A 173 -11.55 -2.70 -20.23
C LEU A 173 -10.06 -2.46 -20.04
N ALA A 174 -9.68 -1.71 -19.01
CA ALA A 174 -8.28 -1.37 -18.81
C ALA A 174 -7.43 -2.59 -18.54
N LEU A 175 -7.91 -3.51 -17.70
CA LEU A 175 -7.09 -4.65 -17.29
C LEU A 175 -6.70 -5.56 -18.46
N PRO A 176 -7.61 -5.99 -19.34
CA PRO A 176 -7.17 -6.85 -20.46
C PRO A 176 -6.43 -6.07 -21.54
N LEU A 177 -6.71 -4.77 -21.65
CA LEU A 177 -6.10 -3.95 -22.69
C LEU A 177 -4.65 -3.62 -22.37
N ILE A 178 -4.42 -2.96 -21.24
CA ILE A 178 -3.06 -2.59 -20.85
C ILE A 178 -2.19 -3.81 -20.70
N THR A 179 -2.77 -4.96 -20.34
CA THR A 179 -1.99 -6.19 -20.21
C THR A 179 -1.33 -6.57 -21.52
N LEU A 180 -1.97 -6.26 -22.65
CA LEU A 180 -1.35 -6.50 -23.95
C LEU A 180 -0.04 -5.74 -24.07
N LEU A 181 0.00 -4.50 -23.56
CA LEU A 181 1.25 -3.77 -23.45
C LEU A 181 2.22 -4.46 -22.50
N MET A 182 1.72 -4.94 -21.36
CA MET A 182 2.59 -5.57 -20.38
C MET A 182 3.26 -6.81 -20.96
N LEU A 183 2.53 -7.58 -21.75
CA LEU A 183 3.13 -8.74 -22.40
C LEU A 183 4.17 -8.33 -23.42
N VAL A 184 4.01 -7.15 -24.04
CA VAL A 184 5.05 -6.65 -24.95
C VAL A 184 6.25 -6.18 -24.14
N ARG A 185 6.03 -5.24 -23.23
CA ARG A 185 7.12 -4.70 -22.41
C ARG A 185 7.85 -5.79 -21.63
N PHE A 186 7.13 -6.85 -21.22
CA PHE A 186 7.79 -7.97 -20.58
C PHE A 186 8.78 -8.63 -21.52
N TYR A 187 8.33 -8.97 -22.73
CA TYR A 187 9.19 -9.70 -23.64
C TYR A 187 10.44 -8.91 -23.99
N GLN A 188 10.26 -7.62 -24.29
CA GLN A 188 11.41 -6.75 -24.49
C GLN A 188 12.34 -6.82 -23.29
N ALA A 189 11.78 -6.69 -22.09
CA ALA A 189 12.60 -6.75 -20.88
C ALA A 189 13.31 -8.10 -20.77
N TYR A 190 12.71 -9.18 -21.27
CA TYR A 190 13.41 -10.46 -21.26
C TYR A 190 14.49 -10.48 -22.33
N SER A 191 14.22 -9.92 -23.51
CA SER A 191 15.19 -9.95 -24.59
C SER A 191 16.48 -9.26 -24.19
N GLU A 192 16.38 -8.20 -23.39
CA GLU A 192 17.55 -7.53 -22.86
C GLU A 192 18.32 -8.44 -21.89
N ASN A 193 17.60 -9.17 -21.04
CA ASN A 193 18.27 -9.97 -20.01
C ASN A 193 19.15 -11.04 -20.63
N TYR A 194 18.67 -11.70 -21.70
CA TYR A 194 19.49 -12.69 -22.38
C TYR A 194 20.70 -12.06 -23.05
N ALA A 195 20.64 -10.78 -23.37
CA ALA A 195 21.81 -10.10 -23.94
C ALA A 195 22.92 -9.92 -22.91
N GLN A 196 22.59 -9.95 -21.62
CA GLN A 196 23.56 -9.73 -20.55
C GLN A 196 23.86 -11.00 -19.77
N ASN A 197 23.48 -12.15 -20.31
CA ASN A 197 23.71 -13.45 -19.66
C ASN A 197 23.08 -13.49 -18.27
N LYS A 198 21.85 -13.00 -18.17
CA LYS A 198 21.11 -13.04 -16.92
C LYS A 198 19.99 -14.08 -16.90
N VAL A 199 19.63 -14.65 -18.05
CA VAL A 199 18.63 -15.69 -18.14
C VAL A 199 19.21 -16.85 -18.94
N TYR A 200 18.45 -17.95 -19.00
CA TYR A 200 18.93 -19.21 -19.55
C TYR A 200 18.21 -19.65 -20.82
N ILE A 201 17.00 -19.15 -21.08
CA ILE A 201 16.19 -19.58 -22.20
C ILE A 201 16.26 -18.54 -23.31
N LYS A 202 16.49 -18.99 -24.54
CA LYS A 202 16.61 -18.06 -25.65
C LYS A 202 15.30 -17.32 -25.87
N PRO A 203 15.33 -16.01 -26.11
CA PRO A 203 14.08 -15.25 -26.16
C PRO A 203 13.33 -15.40 -27.48
N ILE A 204 13.26 -16.63 -27.99
CA ILE A 204 12.33 -16.96 -29.06
C ILE A 204 11.44 -18.07 -28.54
N PHE A 205 12.00 -18.89 -27.64
CA PHE A 205 11.20 -19.90 -26.96
C PHE A 205 10.21 -19.24 -26.02
N ILE A 206 10.62 -18.16 -25.35
CA ILE A 206 9.70 -17.42 -24.50
C ILE A 206 8.58 -16.79 -25.31
N LEU A 207 8.91 -16.24 -26.48
CA LEU A 207 7.86 -15.67 -27.35
C LEU A 207 6.89 -16.75 -27.81
N ALA A 208 7.42 -17.91 -28.22
CA ALA A 208 6.56 -19.00 -28.63
C ALA A 208 5.67 -19.48 -27.50
N LEU A 209 6.24 -19.61 -26.29
CA LEU A 209 5.45 -20.01 -25.13
C LEU A 209 4.38 -18.98 -24.82
N MET A 210 4.71 -17.70 -24.93
CA MET A 210 3.73 -16.65 -24.61
C MET A 210 2.57 -16.68 -25.60
N ILE A 211 2.86 -16.77 -26.90
CA ILE A 211 1.78 -16.76 -27.88
C ILE A 211 0.97 -18.05 -27.78
N ILE A 212 1.62 -19.19 -27.50
CA ILE A 212 0.90 -20.45 -27.35
C ILE A 212 -0.04 -20.38 -26.15
N LEU A 213 0.45 -19.83 -25.03
CA LEU A 213 -0.38 -19.73 -23.84
C LEU A 213 -1.55 -18.78 -24.06
N VAL A 214 -1.34 -17.66 -24.74
CA VAL A 214 -2.44 -16.75 -25.01
C VAL A 214 -3.47 -17.40 -25.94
N LEU A 215 -3.01 -18.09 -26.98
CA LEU A 215 -3.94 -18.77 -27.88
C LEU A 215 -4.74 -19.84 -27.14
N ILE A 216 -4.09 -20.61 -26.27
CA ILE A 216 -4.80 -21.62 -25.50
C ILE A 216 -5.80 -20.96 -24.55
N ALA A 217 -5.40 -19.87 -23.91
CA ALA A 217 -6.29 -19.20 -22.96
C ALA A 217 -7.54 -18.68 -23.65
N PHE A 218 -7.41 -18.14 -24.86
CA PHE A 218 -8.54 -17.54 -25.54
C PHE A 218 -9.19 -18.45 -26.57
N ILE A 219 -8.75 -19.69 -26.71
CA ILE A 219 -9.35 -20.62 -27.66
C ILE A 219 -9.84 -21.87 -26.94
N LYS A 220 -8.92 -22.58 -26.28
CA LYS A 220 -9.22 -23.84 -25.61
C LYS A 220 -8.71 -23.77 -24.17
N PRO A 221 -9.39 -23.02 -23.31
CA PRO A 221 -8.91 -22.87 -21.93
C PRO A 221 -8.86 -24.18 -21.15
N GLU A 222 -9.64 -25.18 -21.54
CA GLU A 222 -9.71 -26.43 -20.79
C GLU A 222 -8.37 -27.14 -20.72
N LEU A 223 -7.46 -26.87 -21.67
CA LEU A 223 -6.13 -27.48 -21.61
C LEU A 223 -5.37 -27.06 -20.37
N PHE A 224 -5.78 -25.97 -19.71
CA PHE A 224 -5.15 -25.59 -18.46
C PHE A 224 -5.58 -26.45 -17.28
N LYS A 225 -6.64 -27.25 -17.43
CA LYS A 225 -7.10 -28.07 -16.31
C LYS A 225 -6.07 -29.10 -15.89
N ILE A 226 -5.07 -29.37 -16.72
CA ILE A 226 -3.99 -30.27 -16.32
C ILE A 226 -3.21 -29.64 -15.16
N LEU A 227 -3.00 -28.33 -15.21
CA LEU A 227 -2.25 -27.64 -14.17
C LEU A 227 -3.03 -27.45 -12.88
N LYS A 228 -4.34 -27.73 -12.87
CA LYS A 228 -5.14 -27.56 -11.66
C LYS A 228 -4.60 -28.47 -10.57
N LEU A 229 -3.98 -27.89 -9.54
CA LEU A 229 -3.27 -28.68 -8.53
C LEU A 229 -4.21 -29.44 -7.60
N SER A 230 -5.50 -29.10 -7.56
CA SER A 230 -6.42 -29.82 -6.70
C SER A 230 -6.67 -31.25 -7.17
N ASN A 231 -6.26 -31.59 -8.39
CA ASN A 231 -6.37 -32.97 -8.87
C ASN A 231 -5.21 -33.85 -8.44
N TYR A 232 -4.19 -33.28 -7.80
CA TYR A 232 -3.00 -34.01 -7.41
C TYR A 232 -2.71 -33.96 -5.93
N PHE A 233 -2.95 -32.82 -5.28
CA PHE A 233 -2.71 -32.65 -3.85
C PHE A 233 -4.02 -32.41 -3.14
N ASP A 234 -4.21 -33.11 -2.03
CA ASP A 234 -5.37 -32.90 -1.15
C ASP A 234 -4.81 -32.61 0.24
N LEU A 235 -4.53 -31.34 0.50
CA LEU A 235 -3.90 -30.92 1.76
C LEU A 235 -4.93 -30.58 2.82
N GLY A 236 -6.22 -30.70 2.53
CA GLY A 236 -7.24 -30.43 3.52
C GLY A 236 -7.45 -28.94 3.74
N GLU A 237 -7.78 -28.58 4.98
CA GLU A 237 -7.97 -27.19 5.35
C GLU A 237 -6.67 -26.46 5.60
N MET A 238 -5.56 -27.17 5.74
CA MET A 238 -4.25 -26.56 5.93
C MET A 238 -3.51 -26.38 4.60
N THR A 239 -4.18 -25.77 3.62
CA THR A 239 -3.52 -25.37 2.40
C THR A 239 -2.96 -23.97 2.47
N ILE A 240 -3.59 -23.09 3.25
CA ILE A 240 -3.13 -21.71 3.32
C ILE A 240 -1.74 -21.65 3.93
N TYR A 241 -1.38 -22.62 4.77
CA TYR A 241 -0.04 -22.67 5.34
C TYR A 241 0.96 -23.35 4.42
N TYR A 242 0.51 -23.97 3.33
CA TYR A 242 1.40 -24.44 2.29
C TYR A 242 1.60 -23.44 1.17
N VAL A 243 0.64 -22.52 0.96
CA VAL A 243 0.83 -21.41 0.04
C VAL A 243 1.42 -20.20 0.73
N LEU A 244 1.69 -20.28 2.03
CA LEU A 244 2.44 -19.26 2.75
C LEU A 244 3.94 -19.57 2.77
N ILE A 245 4.32 -20.79 3.14
CA ILE A 245 5.73 -21.15 3.07
C ILE A 245 6.20 -21.22 1.63
N ALA A 246 5.30 -21.41 0.67
CA ALA A 246 5.62 -21.29 -0.74
C ALA A 246 5.54 -19.85 -1.24
N TRP A 247 4.96 -18.95 -0.45
CA TRP A 247 5.00 -17.52 -0.77
C TRP A 247 6.24 -16.85 -0.18
N LEU A 248 6.75 -17.36 0.94
CA LEU A 248 8.00 -16.86 1.49
C LEU A 248 9.20 -17.34 0.67
N VAL A 249 9.17 -18.61 0.24
CA VAL A 249 10.27 -19.12 -0.58
C VAL A 249 10.40 -18.30 -1.85
N MET A 250 9.28 -17.91 -2.46
CA MET A 250 9.34 -16.99 -3.59
C MET A 250 9.82 -15.61 -3.17
N ILE A 251 9.37 -15.13 -2.00
CA ILE A 251 9.66 -13.74 -1.64
C ILE A 251 11.13 -13.55 -1.31
N PHE A 252 11.82 -14.60 -0.86
CA PHE A 252 13.23 -14.52 -0.53
C PHE A 252 14.13 -15.08 -1.63
N PHE A 253 13.56 -15.54 -2.74
CA PHE A 253 14.33 -15.97 -3.90
C PHE A 253 14.41 -14.91 -4.97
N GLY A 254 13.88 -13.71 -4.71
CA GLY A 254 13.99 -12.60 -5.62
C GLY A 254 12.77 -12.29 -6.45
N VAL A 255 11.68 -13.01 -6.28
CA VAL A 255 10.46 -12.70 -7.02
C VAL A 255 9.91 -11.37 -6.51
N PRO A 256 9.44 -10.48 -7.37
CA PRO A 256 8.88 -9.20 -6.90
C PRO A 256 7.67 -9.45 -6.00
N VAL A 257 7.46 -8.51 -5.08
CA VAL A 257 6.39 -8.66 -4.09
C VAL A 257 5.03 -8.72 -4.77
N GLY A 258 4.78 -7.80 -5.70
CA GLY A 258 3.49 -7.74 -6.35
C GLY A 258 3.15 -9.00 -7.12
N TRP A 259 4.14 -9.60 -7.77
CA TRP A 259 3.91 -10.84 -8.50
C TRP A 259 3.85 -12.05 -7.58
N SER A 260 4.63 -12.04 -6.49
CA SER A 260 4.60 -13.17 -5.56
C SER A 260 3.25 -13.26 -4.86
N LEU A 261 2.65 -12.13 -4.52
CA LEU A 261 1.31 -12.16 -3.92
C LEU A 261 0.30 -12.78 -4.89
N LEU A 262 0.38 -12.42 -6.17
CA LEU A 262 -0.54 -12.98 -7.15
C LEU A 262 -0.29 -14.47 -7.35
N VAL A 263 0.96 -14.91 -7.36
CA VAL A 263 1.24 -16.33 -7.50
C VAL A 263 0.70 -17.09 -6.29
N ALA A 264 0.81 -16.50 -5.09
CA ALA A 264 0.25 -17.15 -3.91
C ALA A 264 -1.26 -17.28 -4.01
N CYS A 265 -1.94 -16.23 -4.50
CA CYS A 265 -3.39 -16.32 -4.71
C CYS A 265 -3.72 -17.41 -5.73
N ILE A 266 -2.95 -17.47 -6.82
CA ILE A 266 -3.18 -18.49 -7.84
C ILE A 266 -3.02 -19.89 -7.26
N LEU A 267 -1.96 -20.10 -6.46
CA LEU A 267 -1.75 -21.40 -5.84
C LEU A 267 -2.89 -21.76 -4.90
N TYR A 268 -3.34 -20.81 -4.08
CA TYR A 268 -4.41 -21.10 -3.14
C TYR A 268 -5.69 -21.47 -3.87
N PHE A 269 -6.05 -20.72 -4.91
CA PHE A 269 -7.27 -21.04 -5.63
C PHE A 269 -7.15 -22.26 -6.53
N ALA A 270 -5.93 -22.65 -6.91
CA ALA A 270 -5.77 -23.89 -7.64
C ALA A 270 -5.85 -25.10 -6.72
N LEU A 271 -5.34 -24.97 -5.49
CA LEU A 271 -5.35 -26.10 -4.56
C LEU A 271 -6.74 -26.36 -3.99
N THR A 272 -7.48 -25.32 -3.65
CA THR A 272 -8.82 -25.50 -3.07
C THR A 272 -9.90 -25.70 -4.11
N ARG A 273 -10.19 -24.65 -4.89
CA ARG A 273 -11.29 -24.67 -5.85
C ARG A 273 -11.07 -23.53 -6.83
N TRP A 274 -10.99 -23.86 -8.12
CA TRP A 274 -10.74 -22.82 -9.11
C TRP A 274 -11.98 -21.98 -9.41
N LYS A 275 -13.16 -22.54 -9.23
CA LYS A 275 -14.39 -21.87 -9.66
C LYS A 275 -14.58 -20.52 -8.99
N VAL A 276 -13.94 -20.29 -7.85
CA VAL A 276 -14.12 -19.02 -7.14
C VAL A 276 -13.19 -17.93 -7.64
N VAL A 277 -12.09 -18.27 -8.31
CA VAL A 277 -11.14 -17.25 -8.73
C VAL A 277 -11.75 -16.31 -9.76
N TYR A 278 -12.82 -16.71 -10.42
CA TYR A 278 -13.51 -15.82 -11.34
C TYR A 278 -14.17 -14.66 -10.62
N PHE A 279 -14.61 -14.87 -9.38
CA PHE A 279 -15.28 -13.83 -8.63
C PHE A 279 -14.35 -13.03 -7.73
N ALA A 280 -13.26 -13.66 -7.28
CA ALA A 280 -12.27 -12.95 -6.47
C ALA A 280 -11.40 -12.02 -7.31
N ALA A 281 -11.21 -12.35 -8.59
CA ALA A 281 -10.34 -11.54 -9.44
C ALA A 281 -10.84 -10.11 -9.59
N ASP A 282 -12.12 -9.86 -9.29
CA ASP A 282 -12.65 -8.50 -9.32
C ASP A 282 -11.86 -7.58 -8.39
N LYS A 283 -11.30 -8.13 -7.31
CA LYS A 283 -10.51 -7.31 -6.38
C LYS A 283 -9.29 -6.69 -7.05
N LEU A 284 -8.89 -7.20 -8.21
CA LEU A 284 -7.76 -6.63 -8.92
C LEU A 284 -8.09 -5.31 -9.59
N VAL A 285 -9.38 -4.99 -9.78
CA VAL A 285 -9.79 -3.82 -10.54
C VAL A 285 -10.40 -2.75 -9.65
N TYR A 286 -11.41 -3.12 -8.84
CA TYR A 286 -12.08 -2.12 -8.03
C TYR A 286 -11.22 -1.65 -6.86
N SER A 287 -10.07 -2.29 -6.60
CA SER A 287 -9.12 -1.75 -5.64
C SER A 287 -8.52 -0.44 -6.12
N LEU A 288 -8.33 -0.29 -7.44
CA LEU A 288 -7.83 0.96 -7.99
C LEU A 288 -8.90 2.02 -8.17
N ASP A 289 -10.17 1.64 -8.09
CA ASP A 289 -11.27 2.59 -8.16
C ASP A 289 -11.54 3.18 -6.78
N SER A 290 -10.51 3.83 -6.24
CA SER A 290 -10.56 4.42 -4.91
C SER A 290 -10.20 5.89 -5.01
N PHE A 291 -11.02 6.74 -4.40
CA PHE A 291 -10.74 8.18 -4.43
C PHE A 291 -9.57 8.54 -3.53
N SER A 292 -9.34 7.78 -2.46
CA SER A 292 -8.19 8.03 -1.61
C SER A 292 -6.89 7.74 -2.35
N LEU A 293 -6.84 6.65 -3.12
CA LEU A 293 -5.63 6.27 -3.82
C LEU A 293 -5.18 7.32 -4.81
N LEU A 294 -6.09 8.16 -5.32
CA LEU A 294 -5.71 9.24 -6.22
C LEU A 294 -4.71 10.18 -5.59
N SER A 295 -4.65 10.23 -4.26
CA SER A 295 -3.72 11.10 -3.56
C SER A 295 -2.29 10.59 -3.59
N VAL A 296 -2.05 9.37 -4.08
CA VAL A 296 -0.68 8.86 -4.16
C VAL A 296 0.04 9.50 -5.34
N PRO A 297 -0.47 9.45 -6.58
CA PRO A 297 0.25 10.09 -7.68
C PRO A 297 0.32 11.61 -7.58
N PHE A 298 -0.55 12.25 -6.81
CA PHE A 298 -0.51 13.69 -6.69
C PHE A 298 0.49 14.14 -5.63
N PHE A 299 0.45 13.50 -4.46
CA PHE A 299 1.42 13.85 -3.41
C PHE A 299 2.84 13.50 -3.82
N ILE A 300 3.01 12.53 -4.72
CA ILE A 300 4.31 12.32 -5.35
C ILE A 300 4.67 13.51 -6.23
N LEU A 301 3.72 13.94 -7.06
CA LEU A 301 4.00 14.99 -8.03
C LEU A 301 4.32 16.31 -7.35
N THR A 302 3.60 16.65 -6.28
CA THR A 302 3.92 17.87 -5.55
C THR A 302 5.25 17.78 -4.82
N GLY A 303 5.84 16.58 -4.71
CA GLY A 303 7.20 16.45 -4.24
C GLY A 303 8.23 16.51 -5.33
N ILE A 304 7.80 16.44 -6.59
CA ILE A 304 8.68 16.54 -7.74
C ILE A 304 8.69 17.95 -8.32
N LEU A 305 7.53 18.61 -8.33
CA LEU A 305 7.41 19.96 -8.87
C LEU A 305 8.03 21.02 -7.98
N MET A 306 8.70 20.64 -6.89
CA MET A 306 9.36 21.59 -6.02
C MET A 306 10.87 21.46 -6.03
N ASN A 307 11.40 20.24 -6.03
CA ASN A 307 12.83 20.06 -6.28
C ASN A 307 13.18 20.50 -7.70
N GLY A 308 12.33 20.17 -8.67
CA GLY A 308 12.62 20.51 -10.05
C GLY A 308 12.40 21.97 -10.37
N ALA A 309 11.46 22.61 -9.69
CA ALA A 309 11.18 24.03 -9.92
C ALA A 309 12.04 24.93 -9.04
N GLY A 310 12.96 24.38 -8.27
CA GLY A 310 13.86 25.18 -7.46
C GLY A 310 13.25 25.80 -6.24
N ILE A 311 12.13 25.26 -5.75
CA ILE A 311 11.47 25.80 -4.56
C ILE A 311 12.05 25.22 -3.27
N THR A 312 12.83 24.15 -3.36
CA THR A 312 13.45 23.55 -2.19
C THR A 312 14.77 24.21 -1.82
N GLU A 313 15.28 25.12 -2.64
CA GLU A 313 16.48 25.88 -2.32
C GLU A 313 16.19 27.20 -1.64
N ARG A 314 15.08 27.85 -1.99
CA ARG A 314 14.66 29.05 -1.28
C ARG A 314 14.31 28.74 0.17
N ILE A 315 13.67 27.59 0.41
CA ILE A 315 13.38 27.16 1.77
C ILE A 315 14.68 26.94 2.55
N PHE A 316 15.66 26.29 1.92
CA PHE A 316 16.94 26.09 2.58
C PHE A 316 17.62 27.41 2.90
N ASN A 317 17.53 28.38 1.98
CA ASN A 317 18.11 29.69 2.25
C ASN A 317 17.42 30.36 3.43
N PHE A 318 16.10 30.24 3.52
CA PHE A 318 15.38 30.82 4.65
C PHE A 318 15.80 30.16 5.97
N ALA A 319 15.92 28.83 5.98
CA ALA A 319 16.34 28.14 7.19
C ALA A 319 17.78 28.49 7.56
N LYS A 320 18.66 28.61 6.57
CA LYS A 320 20.05 28.95 6.82
C LYS A 320 20.20 30.40 7.24
N ALA A 321 19.27 31.27 6.88
CA ALA A 321 19.32 32.66 7.33
C ALA A 321 18.81 32.79 8.75
N MET A 322 17.64 32.20 9.05
CA MET A 322 17.08 32.32 10.40
C MET A 322 17.95 31.59 11.42
N LEU A 323 18.26 30.32 11.16
CA LEU A 323 19.15 29.54 12.00
C LEU A 323 20.57 29.66 11.47
N GLY A 324 21.47 28.80 11.94
CA GLY A 324 22.82 28.72 11.43
C GLY A 324 23.84 29.50 12.23
N HIS A 325 23.41 30.47 13.04
CA HIS A 325 24.30 31.20 13.92
C HIS A 325 24.19 30.72 15.36
N TYR A 326 23.84 29.46 15.55
CA TYR A 326 23.72 28.85 16.86
C TYR A 326 24.88 27.88 17.07
N THR A 327 24.89 27.23 18.23
CA THR A 327 25.93 26.24 18.52
C THR A 327 25.70 25.02 17.65
N GLY A 328 26.52 24.85 16.63
CA GLY A 328 26.27 23.82 15.64
C GLY A 328 25.02 24.07 14.84
N GLY A 329 24.80 25.31 14.42
CA GLY A 329 23.56 25.69 13.76
C GLY A 329 23.42 25.19 12.34
N MET A 330 24.50 24.71 11.73
CA MET A 330 24.39 24.15 10.40
C MET A 330 23.72 22.78 10.40
N GLY A 331 23.49 22.19 11.57
CA GLY A 331 22.65 21.01 11.66
C GLY A 331 21.23 21.41 11.99
N HIS A 332 21.08 22.53 12.71
CA HIS A 332 19.76 23.06 12.97
C HIS A 332 19.09 23.51 11.67
N VAL A 333 19.86 24.11 10.76
CA VAL A 333 19.30 24.47 9.46
C VAL A 333 18.92 23.21 8.68
N ASN A 334 19.70 22.15 8.83
CA ASN A 334 19.39 20.89 8.17
C ASN A 334 18.05 20.35 8.65
N VAL A 335 17.89 20.25 9.97
CA VAL A 335 16.66 19.68 10.52
C VAL A 335 15.47 20.59 10.26
N ALA A 336 15.67 21.91 10.32
CA ALA A 336 14.57 22.84 10.07
C ALA A 336 14.15 22.82 8.61
N ALA A 337 15.11 22.71 7.68
CA ALA A 337 14.76 22.58 6.28
C ALA A 337 13.99 21.29 6.04
N SER A 338 14.40 20.20 6.68
CA SER A 338 13.65 18.95 6.56
C SER A 338 12.24 19.11 7.10
N LEU A 339 12.09 19.78 8.23
CA LEU A 339 10.77 19.98 8.83
C LEU A 339 9.87 20.83 7.93
N ILE A 340 10.42 21.90 7.35
CA ILE A 340 9.61 22.77 6.50
C ILE A 340 9.24 22.07 5.21
N PHE A 341 10.16 21.31 4.63
CA PHE A 341 9.89 20.58 3.40
C PHE A 341 8.98 19.38 3.61
N SER A 342 8.91 18.85 4.84
CA SER A 342 8.02 17.72 5.09
C SER A 342 6.55 18.08 4.98
N GLY A 343 6.22 19.36 5.04
CA GLY A 343 4.85 19.79 4.84
C GLY A 343 4.40 19.80 3.41
N MET A 344 5.30 19.50 2.47
CA MET A 344 4.99 19.45 1.04
C MET A 344 5.19 18.07 0.45
N SER A 345 6.34 17.44 0.71
CA SER A 345 6.61 16.11 0.19
C SER A 345 6.03 15.05 1.13
N GLY A 346 6.14 13.80 0.70
CA GLY A 346 5.65 12.68 1.49
C GLY A 346 6.59 11.49 1.48
N SER A 347 7.83 11.70 1.04
CA SER A 347 8.81 10.64 0.96
C SER A 347 10.12 11.13 1.56
N ALA A 348 10.83 10.19 2.22
CA ALA A 348 12.13 10.51 2.79
C ALA A 348 13.21 10.57 1.72
N ILE A 349 13.13 9.70 0.71
CA ILE A 349 14.13 9.69 -0.35
C ILE A 349 14.05 10.97 -1.18
N ALA A 350 12.84 11.49 -1.39
CA ALA A 350 12.71 12.78 -2.05
C ALA A 350 13.38 13.88 -1.24
N ASP A 351 13.18 13.87 0.08
CA ASP A 351 13.82 14.85 0.95
C ASP A 351 15.34 14.76 0.84
N ALA A 352 15.89 13.55 0.91
CA ALA A 352 17.33 13.38 0.80
C ALA A 352 17.84 13.85 -0.55
N GLY A 353 17.24 13.37 -1.63
CA GLY A 353 17.69 13.76 -2.97
C GLY A 353 17.52 15.24 -3.27
N GLY A 354 16.62 15.92 -2.57
CA GLY A 354 16.40 17.33 -2.84
C GLY A 354 17.18 18.27 -1.96
N LEU A 355 17.58 17.83 -0.76
CA LEU A 355 18.25 18.72 0.17
C LEU A 355 19.64 18.26 0.61
N GLY A 356 20.06 17.04 0.27
CA GLY A 356 21.30 16.52 0.81
C GLY A 356 22.52 17.26 0.31
N GLN A 357 22.57 17.57 -0.99
CA GLN A 357 23.73 18.27 -1.52
C GLN A 357 23.87 19.64 -0.89
N LEU A 358 22.77 20.40 -0.80
CA LEU A 358 22.82 21.72 -0.19
C LEU A 358 23.22 21.63 1.27
N GLU A 359 22.63 20.70 2.02
CA GLU A 359 22.89 20.61 3.45
C GLU A 359 24.32 20.18 3.72
N ILE A 360 24.81 19.17 3.00
CA ILE A 360 26.18 18.71 3.22
C ILE A 360 27.18 19.78 2.79
N LYS A 361 26.90 20.50 1.72
CA LYS A 361 27.78 21.58 1.30
C LYS A 361 27.82 22.70 2.34
N ALA A 362 26.66 23.08 2.86
CA ALA A 362 26.62 24.13 3.88
C ALA A 362 27.33 23.69 5.16
N MET A 363 27.18 22.42 5.54
CA MET A 363 27.84 21.93 6.74
C MET A 363 29.34 21.78 6.56
N ARG A 364 29.81 21.38 5.38
CA ARG A 364 31.23 21.26 5.14
C ARG A 364 31.91 22.57 4.80
N ASP A 365 31.14 23.62 4.51
CA ASP A 365 31.70 24.97 4.43
C ASP A 365 31.96 25.56 5.80
N GLU A 366 31.75 24.79 6.87
CA GLU A 366 31.97 25.26 8.24
C GLU A 366 32.88 24.34 9.04
N GLY A 367 33.57 23.40 8.40
CA GLY A 367 34.50 22.55 9.09
C GLY A 367 33.92 21.33 9.76
N TYR A 368 32.63 21.05 9.56
CA TYR A 368 32.03 19.87 10.14
C TYR A 368 32.66 18.61 9.55
N ASP A 369 32.69 17.56 10.36
CA ASP A 369 33.27 16.30 9.93
C ASP A 369 32.37 15.61 8.92
N ASP A 370 32.97 14.71 8.13
CA ASP A 370 32.20 14.00 7.11
C ASP A 370 31.15 13.08 7.73
N ASP A 371 31.49 12.43 8.85
CA ASP A 371 30.57 11.46 9.45
C ASP A 371 29.28 12.14 9.90
N ILE A 372 29.38 13.24 10.63
CA ILE A 372 28.18 13.94 11.10
C ILE A 372 27.43 14.55 9.93
N CYS A 373 28.16 15.07 8.94
CA CYS A 373 27.51 15.65 7.76
C CYS A 373 26.65 14.62 7.05
N GLY A 374 27.17 13.40 6.88
CA GLY A 374 26.40 12.35 6.24
C GLY A 374 25.37 11.70 7.12
N GLY A 375 25.54 11.76 8.44
CA GLY A 375 24.62 11.11 9.34
C GLY A 375 23.39 11.93 9.67
N LEU A 376 23.57 13.23 9.92
CA LEU A 376 22.42 14.06 10.28
C LEU A 376 21.51 14.28 9.08
N THR A 377 22.07 14.48 7.89
CA THR A 377 21.24 14.67 6.71
C THR A 377 20.51 13.40 6.31
N ALA A 378 20.94 12.24 6.81
CA ALA A 378 20.22 10.99 6.60
C ALA A 378 19.19 10.74 7.69
N ALA A 379 19.51 11.10 8.93
CA ALA A 379 18.57 10.91 10.03
C ALA A 379 17.40 11.88 9.93
N SER A 380 17.61 13.06 9.38
CA SER A 380 16.54 14.05 9.27
C SER A 380 15.61 13.78 8.09
N CYS A 381 15.89 12.78 7.27
CA CYS A 381 14.98 12.43 6.18
C CYS A 381 13.64 11.96 6.72
N ILE A 382 13.65 11.21 7.82
CA ILE A 382 12.46 10.55 8.33
C ILE A 382 11.38 11.52 8.77
N ILE A 383 11.70 12.81 8.91
CA ILE A 383 10.67 13.79 9.23
C ILE A 383 9.69 13.96 8.07
N GLY A 384 10.08 13.54 6.87
CA GLY A 384 9.24 13.66 5.70
C GLY A 384 7.98 12.81 5.76
N PRO A 385 8.14 11.49 5.85
CA PRO A 385 6.95 10.61 5.87
C PRO A 385 6.19 10.60 7.18
N LEU A 386 6.53 11.52 8.10
CA LEU A 386 5.81 11.65 9.35
C LEU A 386 4.89 12.85 9.37
N VAL A 387 5.42 14.04 9.10
CA VAL A 387 4.55 15.23 9.03
C VAL A 387 3.70 15.14 7.77
N PRO A 388 2.42 15.51 7.82
CA PRO A 388 1.57 15.42 6.62
C PRO A 388 2.03 16.38 5.54
N PRO A 389 1.93 15.99 4.27
CA PRO A 389 1.45 14.71 3.74
C PRO A 389 2.48 13.59 3.85
N SER A 390 2.05 12.34 3.74
CA SER A 390 2.96 11.21 3.74
C SER A 390 2.33 10.08 2.94
N ILE A 391 3.15 9.38 2.16
CA ILE A 391 2.65 8.28 1.35
C ILE A 391 2.59 6.97 2.14
N SER A 392 3.44 6.81 3.16
CA SER A 392 3.38 5.63 3.99
C SER A 392 2.05 5.55 4.73
N MET A 393 1.56 6.68 5.23
CA MET A 393 0.28 6.67 5.95
C MET A 393 -0.88 6.51 4.99
N ILE A 394 -0.76 7.00 3.76
CA ILE A 394 -1.81 6.73 2.77
C ILE A 394 -1.90 5.25 2.46
N ILE A 395 -0.74 4.60 2.29
CA ILE A 395 -0.72 3.16 2.05
C ILE A 395 -1.29 2.40 3.24
N TYR A 396 -0.93 2.81 4.45
CA TYR A 396 -1.50 2.17 5.63
C TYR A 396 -3.02 2.34 5.68
N GLY A 397 -3.52 3.54 5.39
CA GLY A 397 -4.95 3.75 5.39
C GLY A 397 -5.67 2.95 4.32
N VAL A 398 -5.02 2.74 3.17
CA VAL A 398 -5.61 1.89 2.15
C VAL A 398 -5.65 0.44 2.62
N ILE A 399 -4.54 -0.06 3.17
CA ILE A 399 -4.49 -1.45 3.60
C ILE A 399 -5.39 -1.68 4.80
N ALA A 400 -5.34 -0.79 5.79
CA ALA A 400 -6.07 -0.97 7.04
C ALA A 400 -7.47 -0.40 7.01
N ASN A 401 -7.91 0.16 5.88
CA ASN A 401 -9.26 0.73 5.75
C ASN A 401 -9.51 1.81 6.80
N GLN A 402 -8.47 2.59 7.10
CA GLN A 402 -8.55 3.65 8.09
C GLN A 402 -8.66 5.01 7.41
N SER A 403 -9.15 5.99 8.16
CA SER A 403 -9.24 7.35 7.64
C SER A 403 -7.84 7.92 7.47
N ILE A 404 -7.62 8.59 6.34
CA ILE A 404 -6.31 9.15 6.04
C ILE A 404 -6.12 10.53 6.69
N ALA A 405 -7.18 11.33 6.79
CA ALA A 405 -7.06 12.62 7.46
C ALA A 405 -6.65 12.43 8.92
N LYS A 406 -7.26 11.48 9.60
CA LYS A 406 -6.91 11.22 10.99
C LYS A 406 -5.51 10.66 11.12
N LEU A 407 -5.07 9.83 10.16
CA LEU A 407 -3.69 9.37 10.17
C LEU A 407 -2.71 10.53 10.03
N PHE A 408 -3.00 11.48 9.13
CA PHE A 408 -2.15 12.65 8.99
C PHE A 408 -2.10 13.46 10.29
N LEU A 409 -3.27 13.74 10.86
CA LEU A 409 -3.30 14.54 12.08
C LEU A 409 -2.56 13.85 13.21
N ALA A 410 -2.70 12.52 13.31
CA ALA A 410 -1.98 11.78 14.35
C ALA A 410 -0.48 11.84 14.12
N GLY A 411 -0.04 11.69 12.88
CA GLY A 411 1.39 11.69 12.60
C GLY A 411 2.03 13.05 12.61
N PHE A 412 1.23 14.12 12.70
CA PHE A 412 1.79 15.47 12.77
C PHE A 412 2.72 15.63 13.97
N VAL A 413 2.26 15.26 15.16
CA VAL A 413 2.99 15.49 16.41
C VAL A 413 4.31 14.72 16.48
N PRO A 414 4.36 13.42 16.13
CA PRO A 414 5.66 12.73 16.16
C PRO A 414 6.71 13.37 15.26
N GLY A 415 6.31 14.02 14.17
CA GLY A 415 7.29 14.73 13.35
C GLY A 415 7.96 15.85 14.11
N PHE A 416 7.17 16.65 14.83
CA PHE A 416 7.75 17.71 15.65
C PHE A 416 8.59 17.15 16.79
N LEU A 417 8.14 16.06 17.41
CA LEU A 417 8.92 15.44 18.48
C LEU A 417 10.27 14.97 17.97
N THR A 418 10.28 14.31 16.81
CA THR A 418 11.54 13.84 16.23
C THR A 418 12.42 15.01 15.83
N THR A 419 11.85 16.08 15.30
CA THR A 419 12.64 17.26 14.96
C THR A 419 13.32 17.84 16.18
N ILE A 420 12.58 17.98 17.29
CA ILE A 420 13.15 18.53 18.51
C ILE A 420 14.25 17.61 19.04
N ALA A 421 14.01 16.30 19.03
CA ALA A 421 15.02 15.35 19.52
C ALA A 421 16.29 15.41 18.68
N LEU A 422 16.14 15.49 17.37
CA LEU A 422 17.31 15.59 16.49
C LEU A 422 18.07 16.88 16.72
N MET A 423 17.35 17.99 16.90
CA MET A 423 18.03 19.26 17.19
C MET A 423 18.80 19.20 18.49
N ILE A 424 18.19 18.61 19.53
CA ILE A 424 18.89 18.53 20.82
C ILE A 424 20.13 17.65 20.71
N MET A 425 20.02 16.50 20.05
CA MET A 425 21.17 15.62 19.90
C MET A 425 22.27 16.29 19.09
N ASN A 426 21.89 17.01 18.02
CA ASN A 426 22.87 17.72 17.22
C ASN A 426 23.56 18.81 18.01
N TYR A 427 22.80 19.54 18.83
CA TYR A 427 23.41 20.57 19.68
C TYR A 427 24.41 19.96 20.63
N PHE A 428 24.06 18.84 21.27
CA PHE A 428 25.00 18.18 22.17
C PHE A 428 26.25 17.73 21.44
N VAL A 429 26.08 17.12 20.26
CA VAL A 429 27.24 16.63 19.51
C VAL A 429 28.16 17.79 19.11
N CYS A 430 27.57 18.87 18.60
CA CYS A 430 28.38 19.99 18.15
C CYS A 430 29.07 20.69 19.30
N LYS A 431 28.38 20.87 20.43
CA LYS A 431 29.02 21.49 21.59
C LYS A 431 30.12 20.61 22.15
N LYS A 432 29.96 19.28 22.07
CA LYS A 432 31.03 18.38 22.48
C LYS A 432 32.23 18.49 21.55
N ARG A 433 31.99 18.58 20.24
CA ARG A 433 33.08 18.68 19.29
C ARG A 433 33.66 20.08 19.17
N GLY A 434 33.01 21.08 19.77
CA GLY A 434 33.55 22.43 19.77
C GLY A 434 33.61 23.08 18.41
N TYR A 435 32.55 22.94 17.60
CA TYR A 435 32.49 23.61 16.32
C TYR A 435 32.32 25.12 16.51
N LYS A 436 32.97 25.89 15.64
CA LYS A 436 32.91 27.34 15.76
C LYS A 436 31.55 27.86 15.32
N LYS A 437 30.96 28.73 16.14
CA LYS A 437 29.66 29.29 15.83
C LYS A 437 29.77 30.29 14.68
N THR A 438 28.92 30.13 13.67
CA THR A 438 28.91 31.01 12.52
C THR A 438 28.31 32.36 12.88
N ALA A 439 28.84 33.42 12.27
CA ALA A 439 28.39 34.77 12.55
C ALA A 439 26.92 34.93 12.13
N LYS A 440 26.20 35.74 12.91
CA LYS A 440 24.78 35.97 12.65
C LYS A 440 24.59 36.73 11.35
N ALA A 441 23.58 36.33 10.58
CA ALA A 441 23.25 37.03 9.36
C ALA A 441 22.72 38.43 9.67
N SER A 442 22.97 39.36 8.75
CA SER A 442 22.52 40.73 8.94
C SER A 442 20.99 40.77 8.94
N PRO A 443 20.39 41.75 9.62
CA PRO A 443 18.92 41.80 9.70
C PRO A 443 18.26 42.03 8.35
N LYS A 444 19.06 42.32 7.33
CA LYS A 444 18.56 42.50 5.97
C LYS A 444 18.56 41.21 5.17
N GLU A 445 19.60 40.39 5.28
CA GLU A 445 19.61 39.11 4.59
C GLU A 445 18.54 38.17 5.14
N ARG A 446 18.34 38.18 6.46
CA ARG A 446 17.31 37.34 7.07
C ARG A 446 15.91 37.74 6.61
N TRP A 447 15.73 38.98 6.15
CA TRP A 447 14.44 39.38 5.60
C TRP A 447 14.37 39.15 4.09
N ILE A 448 15.47 39.31 3.38
CA ILE A 448 15.47 39.04 1.94
C ILE A 448 15.19 37.57 1.68
N ALA A 449 15.82 36.69 2.45
CA ALA A 449 15.58 35.26 2.28
C ALA A 449 14.13 34.90 2.56
N PHE A 450 13.55 35.47 3.61
CA PHE A 450 12.15 35.21 3.92
C PHE A 450 11.24 35.75 2.82
N LYS A 451 11.53 36.95 2.31
CA LYS A 451 10.67 37.54 1.29
C LYS A 451 10.73 36.75 0.00
N LYS A 452 11.90 36.23 -0.35
CA LYS A 452 12.00 35.36 -1.52
C LYS A 452 11.25 34.06 -1.30
N SER A 453 11.50 33.38 -0.19
CA SER A 453 10.84 32.11 0.11
C SER A 453 9.64 32.33 1.01
N PHE A 454 8.70 33.15 0.55
CA PHE A 454 7.48 33.41 1.31
C PHE A 454 6.27 32.66 0.79
N TRP A 455 6.06 32.65 -0.53
CA TRP A 455 4.93 31.91 -1.08
C TRP A 455 5.11 30.42 -0.92
N ALA A 456 6.36 29.94 -0.87
CA ALA A 456 6.60 28.52 -0.65
C ALA A 456 6.12 28.08 0.73
N LEU A 457 6.39 28.90 1.75
CA LEU A 457 6.04 28.54 3.13
C LEU A 457 4.54 28.37 3.31
N LEU A 458 3.73 28.92 2.42
CA LEU A 458 2.28 28.78 2.52
C LEU A 458 1.78 27.45 1.98
N THR A 459 2.63 26.64 1.38
CA THR A 459 2.17 25.34 0.87
C THR A 459 1.70 24.41 1.98
N PRO A 460 2.43 24.21 3.08
CA PRO A 460 1.88 23.36 4.16
C PRO A 460 0.58 23.88 4.73
N ILE A 461 0.40 25.19 4.82
CA ILE A 461 -0.85 25.74 5.34
C ILE A 461 -2.03 25.31 4.48
N LEU A 462 -1.82 25.21 3.15
CA LEU A 462 -2.87 24.69 2.29
C LEU A 462 -3.21 23.25 2.63
N ILE A 463 -2.20 22.43 2.93
CA ILE A 463 -2.43 21.01 3.15
C ILE A 463 -2.83 20.78 4.60
N ILE A 464 -1.89 21.04 5.52
CA ILE A 464 -2.11 20.72 6.92
C ILE A 464 -3.25 21.56 7.49
N GLY A 465 -3.30 22.84 7.14
CA GLY A 465 -4.41 23.67 7.57
C GLY A 465 -5.66 23.51 6.75
N GLY A 466 -5.62 22.73 5.67
CA GLY A 466 -6.80 22.50 4.87
C GLY A 466 -7.51 21.23 5.27
N ILE A 467 -6.73 20.19 5.55
CA ILE A 467 -7.30 18.94 6.03
C ILE A 467 -7.83 19.09 7.45
N PHE A 468 -7.05 19.75 8.32
CA PHE A 468 -7.47 19.93 9.70
C PHE A 468 -8.73 20.77 9.80
N SER A 469 -8.81 21.85 9.03
CA SER A 469 -10.00 22.69 9.05
C SER A 469 -11.21 22.04 8.41
N GLY A 470 -11.03 20.92 7.72
CA GLY A 470 -12.13 20.23 7.07
C GLY A 470 -12.52 20.78 5.71
N ILE A 471 -11.81 21.79 5.21
CA ILE A 471 -12.14 22.34 3.89
C ILE A 471 -11.82 21.34 2.80
N PHE A 472 -10.68 20.66 2.91
CA PHE A 472 -10.21 19.75 1.87
C PHE A 472 -10.15 18.33 2.41
N THR A 473 -10.63 17.37 1.62
CA THR A 473 -10.28 15.99 1.83
C THR A 473 -8.83 15.78 1.41
N PRO A 474 -8.18 14.72 1.89
CA PRO A 474 -6.76 14.53 1.53
C PRO A 474 -6.48 14.50 0.03
N THR A 475 -7.38 13.93 -0.77
CA THR A 475 -7.17 13.95 -2.22
C THR A 475 -7.34 15.35 -2.77
N GLU A 476 -8.36 16.08 -2.32
CA GLU A 476 -8.50 17.47 -2.75
C GLU A 476 -7.35 18.32 -2.25
N ALA A 477 -6.83 18.02 -1.05
CA ALA A 477 -5.64 18.71 -0.57
C ALA A 477 -4.45 18.45 -1.49
N ALA A 478 -4.30 17.20 -1.95
CA ALA A 478 -3.23 16.88 -2.88
C ALA A 478 -3.38 17.64 -4.20
N VAL A 479 -4.60 17.69 -4.72
CA VAL A 479 -4.84 18.39 -5.99
C VAL A 479 -4.57 19.88 -5.84
N ILE A 480 -5.04 20.49 -4.74
CA ILE A 480 -4.82 21.92 -4.54
C ILE A 480 -3.33 22.21 -4.31
N ALA A 481 -2.63 21.33 -3.60
CA ALA A 481 -1.20 21.52 -3.41
C ALA A 481 -0.46 21.43 -4.74
N THR A 482 -0.83 20.47 -5.60
CA THR A 482 -0.19 20.37 -6.91
C THR A 482 -0.47 21.60 -7.75
N PHE A 483 -1.71 22.10 -7.73
CA PHE A 483 -2.05 23.31 -8.47
C PHE A 483 -1.26 24.50 -7.96
N TYR A 484 -1.13 24.63 -6.64
CA TYR A 484 -0.37 25.73 -6.07
C TYR A 484 1.10 25.62 -6.41
N SER A 485 1.65 24.41 -6.43
CA SER A 485 3.05 24.23 -6.81
C SER A 485 3.26 24.59 -8.27
N ILE A 486 2.30 24.28 -9.13
CA ILE A 486 2.38 24.68 -10.54
C ILE A 486 2.37 26.20 -10.65
N ILE A 487 1.48 26.86 -9.91
CA ILE A 487 1.43 28.33 -9.93
C ILE A 487 2.73 28.91 -9.41
N LEU A 488 3.29 28.32 -8.36
CA LEU A 488 4.55 28.81 -7.79
C LEU A 488 5.69 28.68 -8.79
N GLY A 489 5.88 27.50 -9.35
CA GLY A 489 7.00 27.26 -10.24
C GLY A 489 6.83 27.82 -11.63
N GLY A 490 5.63 28.27 -11.99
CA GLY A 490 5.42 28.75 -13.34
C GLY A 490 5.04 30.20 -13.46
N PHE A 491 4.47 30.79 -12.40
CA PHE A 491 3.95 32.14 -12.48
C PHE A 491 4.37 33.06 -11.33
N ILE A 492 5.05 32.55 -10.31
CA ILE A 492 5.53 33.41 -9.23
C ILE A 492 7.05 33.31 -9.16
N TYR A 493 7.60 32.16 -9.54
CA TYR A 493 9.04 31.96 -9.58
C TYR A 493 9.59 31.77 -10.97
N LYS A 494 8.76 31.37 -11.94
CA LYS A 494 9.14 31.27 -13.35
C LYS A 494 10.33 30.35 -13.56
N GLU A 495 10.16 29.09 -13.16
CA GLU A 495 11.21 28.10 -13.34
C GLU A 495 10.70 26.75 -13.81
N LEU A 496 9.40 26.61 -14.11
CA LEU A 496 8.82 25.36 -14.56
C LEU A 496 8.28 25.56 -15.97
N THR A 497 8.85 24.84 -16.93
CA THR A 497 8.38 24.90 -18.31
C THR A 497 7.26 23.89 -18.50
N VAL A 498 6.82 23.69 -19.74
CA VAL A 498 5.77 22.72 -20.01
C VAL A 498 6.34 21.33 -20.28
N LYS A 499 7.46 21.26 -21.01
CA LYS A 499 8.12 19.96 -21.19
C LYS A 499 8.61 19.40 -19.86
N SER A 500 9.18 20.27 -19.01
CA SER A 500 9.61 19.82 -17.69
C SER A 500 8.43 19.35 -16.86
N PHE A 501 7.32 20.07 -16.90
CA PHE A 501 6.14 19.64 -16.16
C PHE A 501 5.61 18.30 -16.66
N PHE A 502 5.61 18.09 -17.97
CA PHE A 502 5.16 16.81 -18.51
C PHE A 502 6.09 15.68 -18.10
N LYS A 503 7.40 15.92 -18.11
CA LYS A 503 8.34 14.90 -17.67
C LYS A 503 8.15 14.57 -16.19
N HIS A 504 7.87 15.59 -15.37
CA HIS A 504 7.58 15.35 -13.96
C HIS A 504 6.31 14.52 -13.79
N CYS A 505 5.27 14.81 -14.58
CA CYS A 505 4.06 14.00 -14.53
C CYS A 505 4.35 12.55 -14.93
N VAL A 506 5.14 12.35 -15.97
CA VAL A 506 5.45 11.01 -16.43
C VAL A 506 6.21 10.23 -15.36
N GLU A 507 7.20 10.86 -14.73
CA GLU A 507 7.96 10.13 -13.72
C GLU A 507 7.15 9.93 -12.44
N ALA A 508 6.22 10.83 -12.13
CA ALA A 508 5.31 10.58 -11.01
C ALA A 508 4.42 9.37 -11.29
N VAL A 509 3.92 9.26 -12.52
CA VAL A 509 3.13 8.09 -12.89
C VAL A 509 3.97 6.83 -12.80
N ALA A 510 5.22 6.89 -13.26
CA ALA A 510 6.10 5.72 -13.19
C ALA A 510 6.36 5.31 -11.75
N ILE A 511 6.58 6.28 -10.85
CA ILE A 511 6.85 5.96 -9.46
C ILE A 511 5.62 5.38 -8.79
N SER A 512 4.43 5.93 -9.07
CA SER A 512 3.22 5.42 -8.43
C SER A 512 2.79 4.07 -9.01
N GLY A 513 3.24 3.74 -10.23
CA GLY A 513 2.86 2.46 -10.81
C GLY A 513 3.48 1.25 -10.12
N VAL A 514 4.61 1.44 -9.42
CA VAL A 514 5.21 0.31 -8.72
C VAL A 514 4.53 0.04 -7.38
N THR A 515 3.76 1.01 -6.86
CA THR A 515 2.95 0.78 -5.67
C THR A 515 1.52 0.39 -6.02
N VAL A 516 1.04 0.79 -7.21
CA VAL A 516 -0.30 0.40 -7.63
C VAL A 516 -0.41 -1.12 -7.77
N LEU A 517 0.60 -1.75 -8.36
CA LEU A 517 0.59 -3.20 -8.51
C LEU A 517 0.53 -3.89 -7.16
N MET A 518 1.37 -3.45 -6.22
CA MET A 518 1.38 -4.06 -4.90
C MET A 518 0.06 -3.83 -4.17
N ILE A 519 -0.54 -2.65 -4.35
CA ILE A 519 -1.83 -2.38 -3.73
C ILE A 519 -2.88 -3.35 -4.26
N MET A 520 -2.97 -3.48 -5.58
CA MET A 520 -4.05 -4.27 -6.16
C MET A 520 -3.81 -5.77 -6.03
N THR A 521 -2.58 -6.20 -5.76
CA THR A 521 -2.38 -7.61 -5.45
C THR A 521 -2.47 -7.93 -3.96
N VAL A 522 -2.12 -6.98 -3.10
CA VAL A 522 -2.29 -7.20 -1.67
C VAL A 522 -3.76 -7.15 -1.29
N THR A 523 -4.56 -6.37 -2.01
CA THR A 523 -6.01 -6.43 -1.81
C THR A 523 -6.55 -7.80 -2.18
N PHE A 524 -6.04 -8.38 -3.27
CA PHE A 524 -6.43 -9.73 -3.67
C PHE A 524 -6.03 -10.77 -2.62
N PHE A 525 -4.80 -10.67 -2.11
CA PHE A 525 -4.28 -11.67 -1.17
C PHE A 525 -4.86 -11.50 0.23
N GLY A 526 -5.26 -10.27 0.59
CA GLY A 526 -5.73 -10.04 1.94
C GLY A 526 -7.03 -10.74 2.26
N ASP A 527 -7.97 -10.76 1.32
CA ASP A 527 -9.22 -11.46 1.57
C ASP A 527 -8.99 -12.96 1.71
N ILE A 528 -8.10 -13.52 0.89
CA ILE A 528 -7.74 -14.92 1.00
C ILE A 528 -7.15 -15.22 2.37
N ILE A 529 -6.24 -14.36 2.84
CA ILE A 529 -5.59 -14.58 4.12
C ILE A 529 -6.50 -14.26 5.30
N ALA A 530 -7.57 -13.49 5.09
CA ALA A 530 -8.47 -13.08 6.15
C ALA A 530 -9.68 -13.98 6.32
N ARG A 531 -10.11 -14.66 5.25
CA ARG A 531 -11.16 -15.66 5.41
C ARG A 531 -10.64 -16.92 6.09
N GLU A 532 -9.36 -17.22 5.91
CA GLU A 532 -8.74 -18.37 6.55
C GLU A 532 -8.33 -18.08 7.99
N GLN A 533 -8.55 -16.85 8.46
CA GLN A 533 -8.35 -16.48 9.87
C GLN A 533 -6.93 -16.80 10.34
N VAL A 534 -5.95 -16.54 9.48
CA VAL A 534 -4.55 -16.78 9.84
C VAL A 534 -4.11 -15.79 10.92
N ALA A 535 -4.52 -14.53 10.78
CA ALA A 535 -4.15 -13.51 11.74
C ALA A 535 -4.66 -13.84 13.14
N MET A 536 -5.82 -14.48 13.24
CA MET A 536 -6.33 -14.87 14.55
C MET A 536 -5.42 -15.90 15.20
N ARG A 537 -4.94 -16.88 14.43
CA ARG A 537 -4.02 -17.88 14.98
C ARG A 537 -2.71 -17.24 15.40
N VAL A 538 -2.17 -16.34 14.57
CA VAL A 538 -0.90 -15.69 14.92
C VAL A 538 -1.08 -14.83 16.16
N ALA A 539 -2.23 -14.16 16.27
CA ALA A 539 -2.49 -13.36 17.47
C ALA A 539 -2.61 -14.23 18.70
N GLU A 540 -3.23 -15.41 18.58
CA GLU A 540 -3.28 -16.33 19.71
C GLU A 540 -1.87 -16.73 20.14
N ILE A 541 -1.00 -17.02 19.18
CA ILE A 541 0.38 -17.37 19.51
C ILE A 541 1.08 -16.20 20.22
N PHE A 542 0.91 -14.99 19.69
CA PHE A 542 1.56 -13.83 20.28
C PHE A 542 1.08 -13.57 21.70
N ILE A 543 -0.23 -13.68 21.93
CA ILE A 543 -0.76 -13.49 23.28
C ILE A 543 -0.27 -14.59 24.22
N LYS A 544 -0.13 -15.81 23.71
CA LYS A 544 0.43 -16.89 24.53
C LYS A 544 1.86 -16.59 24.95
N TYR A 545 2.67 -16.06 24.04
CA TYR A 545 4.06 -15.77 24.38
C TYR A 545 4.25 -14.41 25.05
N ALA A 546 3.44 -13.41 24.70
CA ALA A 546 3.52 -12.08 25.30
C ALA A 546 2.18 -11.77 25.95
N THR A 547 2.20 -11.53 27.27
CA THR A 547 0.95 -11.40 28.01
C THR A 547 0.33 -10.02 27.85
N SER A 548 1.00 -8.98 28.37
CA SER A 548 0.43 -7.65 28.38
C SER A 548 0.44 -7.05 26.97
N PRO A 549 -0.52 -6.17 26.67
CA PRO A 549 -0.49 -5.50 25.36
C PRO A 549 0.77 -4.70 25.11
N MET A 550 1.38 -4.14 26.16
CA MET A 550 2.65 -3.45 26.00
C MET A 550 3.74 -4.40 25.54
N MET A 551 3.74 -5.64 26.05
CA MET A 551 4.66 -6.64 25.53
C MET A 551 4.37 -6.97 24.08
N VAL A 552 3.11 -6.95 23.66
CA VAL A 552 2.78 -7.15 22.26
C VAL A 552 3.38 -6.05 21.41
N LEU A 553 3.24 -4.79 21.86
CA LEU A 553 3.85 -3.67 21.13
C LEU A 553 5.36 -3.80 21.07
N VAL A 554 5.99 -4.19 22.18
CA VAL A 554 7.44 -4.33 22.20
C VAL A 554 7.89 -5.42 21.23
N MET A 555 7.18 -6.55 21.22
CA MET A 555 7.57 -7.64 20.32
C MET A 555 7.35 -7.27 18.86
N ILE A 556 6.25 -6.56 18.56
CA ILE A 556 6.04 -6.11 17.19
C ILE A 556 7.13 -5.15 16.76
N ASN A 557 7.50 -4.22 17.64
CA ASN A 557 8.56 -3.27 17.32
C ASN A 557 9.90 -3.98 17.10
N LEU A 558 10.21 -4.97 17.94
CA LEU A 558 11.46 -5.72 17.77
C LEU A 558 11.47 -6.48 16.46
N LEU A 559 10.35 -7.11 16.10
CA LEU A 559 10.26 -7.80 14.82
C LEU A 559 10.46 -6.83 13.66
N LEU A 560 9.81 -5.67 13.72
CA LEU A 560 9.94 -4.70 12.65
C LEU A 560 11.36 -4.17 12.55
N LEU A 561 12.02 -3.93 13.68
CA LEU A 561 13.40 -3.46 13.66
C LEU A 561 14.33 -4.51 13.07
N PHE A 562 14.11 -5.79 13.42
CA PHE A 562 14.95 -6.84 12.86
C PHE A 562 14.74 -6.98 11.36
N LEU A 563 13.50 -6.86 10.90
CA LEU A 563 13.21 -7.07 9.49
C LEU A 563 13.64 -5.88 8.64
N GLY A 564 13.50 -4.66 9.16
CA GLY A 564 13.86 -3.48 8.38
C GLY A 564 15.35 -3.33 8.15
N MET A 565 16.17 -4.05 8.91
CA MET A 565 17.60 -4.03 8.65
C MET A 565 17.95 -4.65 7.29
N PHE A 566 17.23 -5.70 6.90
CA PHE A 566 17.52 -6.40 5.66
C PHE A 566 16.49 -6.17 4.57
N ILE A 567 15.33 -5.59 4.88
CA ILE A 567 14.23 -5.41 3.94
C ILE A 567 13.92 -3.92 3.83
N ASP A 568 13.65 -3.48 2.61
CA ASP A 568 13.33 -2.08 2.37
C ASP A 568 11.99 -1.72 3.00
N ALA A 569 11.80 -0.42 3.23
CA ALA A 569 10.60 0.06 3.91
C ALA A 569 9.34 -0.04 3.05
N LEU A 570 9.47 -0.25 1.75
CA LEU A 570 8.30 -0.45 0.89
C LEU A 570 8.04 -1.92 0.58
N ALA A 571 9.08 -2.74 0.54
CA ALA A 571 8.94 -4.19 0.41
C ALA A 571 8.64 -4.85 1.75
N LEU A 572 8.28 -4.07 2.76
CA LEU A 572 7.91 -4.56 4.08
C LEU A 572 6.53 -4.12 4.50
N GLN A 573 6.09 -2.94 4.05
CA GLN A 573 4.74 -2.47 4.30
C GLN A 573 3.68 -3.34 3.65
N PHE A 574 4.05 -4.08 2.60
CA PHE A 574 3.14 -5.00 1.94
C PHE A 574 3.41 -6.45 2.32
N LEU A 575 4.32 -6.70 3.25
CA LEU A 575 4.62 -8.04 3.71
C LEU A 575 4.23 -8.29 5.16
N VAL A 576 4.50 -7.37 6.07
CA VAL A 576 4.17 -7.58 7.48
C VAL A 576 2.88 -6.87 7.86
N LEU A 577 2.60 -5.71 7.29
CA LEU A 577 1.39 -4.97 7.66
C LEU A 577 0.09 -5.71 7.37
N PRO A 578 -0.10 -6.36 6.21
CA PRO A 578 -1.40 -7.00 5.96
C PRO A 578 -1.78 -8.03 7.00
N MET A 579 -0.80 -8.67 7.64
CA MET A 579 -1.08 -9.63 8.71
C MET A 579 -0.93 -9.03 10.10
N LEU A 580 -0.11 -7.99 10.26
CA LEU A 580 0.06 -7.38 11.58
C LEU A 580 -1.12 -6.50 11.96
N ILE A 581 -1.79 -5.89 10.97
CA ILE A 581 -2.92 -5.02 11.27
C ILE A 581 -4.06 -5.77 11.97
N PRO A 582 -4.53 -6.92 11.48
CA PRO A 582 -5.59 -7.64 12.21
C PRO A 582 -5.16 -8.09 13.59
N ILE A 583 -3.90 -8.46 13.79
CA ILE A 583 -3.42 -8.82 15.13
C ILE A 583 -3.51 -7.62 16.06
N ALA A 584 -3.08 -6.45 15.58
CA ALA A 584 -3.18 -5.24 16.39
C ALA A 584 -4.62 -4.90 16.71
N GLU A 585 -5.52 -5.11 15.75
CA GLU A 585 -6.94 -4.87 16.01
C GLU A 585 -7.48 -5.84 17.06
N GLN A 586 -7.04 -7.10 17.01
CA GLN A 586 -7.51 -8.09 17.96
C GLN A 586 -7.04 -7.78 19.38
N VAL A 587 -5.78 -7.37 19.53
CA VAL A 587 -5.22 -7.19 20.86
C VAL A 587 -5.57 -5.80 21.40
N GLY A 588 -6.48 -5.11 20.73
CA GLY A 588 -7.04 -3.87 21.23
C GLY A 588 -6.26 -2.61 20.88
N ILE A 589 -5.19 -2.72 20.09
CA ILE A 589 -4.41 -1.55 19.72
C ILE A 589 -5.19 -0.68 18.76
N ASP A 590 -5.19 0.63 19.00
CA ASP A 590 -5.82 1.55 18.08
C ASP A 590 -5.10 1.54 16.75
N LEU A 591 -5.87 1.50 15.65
CA LEU A 591 -5.26 1.34 14.34
C LEU A 591 -4.62 2.62 13.82
N VAL A 592 -5.12 3.79 14.21
CA VAL A 592 -4.46 5.03 13.85
C VAL A 592 -3.11 5.16 14.55
N PHE A 593 -3.11 4.91 15.86
CA PHE A 593 -1.86 4.88 16.62
C PHE A 593 -0.92 3.80 16.10
N PHE A 594 -1.47 2.64 15.77
CA PHE A 594 -0.64 1.56 15.23
C PHE A 594 -0.03 1.97 13.89
N GLY A 595 -0.78 2.69 13.06
CA GLY A 595 -0.23 3.16 11.80
C GLY A 595 0.90 4.14 11.99
N VAL A 596 0.73 5.10 12.90
CA VAL A 596 1.80 6.05 13.19
C VAL A 596 3.03 5.33 13.72
N MET A 597 2.82 4.39 14.66
CA MET A 597 3.94 3.68 15.26
C MET A 597 4.67 2.84 14.23
N THR A 598 3.94 2.14 13.36
CA THR A 598 4.60 1.32 12.34
C THR A 598 5.34 2.18 11.31
N THR A 599 4.77 3.34 10.96
CA THR A 599 5.47 4.23 10.05
C THR A 599 6.78 4.71 10.67
N LEU A 600 6.76 5.11 11.96
CA LEU A 600 7.98 5.54 12.61
C LEU A 600 8.96 4.38 12.78
N ASN A 601 8.47 3.16 12.97
CA ASN A 601 9.34 2.01 13.14
C ASN A 601 9.99 1.62 11.82
N MET A 602 9.30 1.81 10.70
CA MET A 602 9.86 1.50 9.39
C MET A 602 10.71 2.62 8.82
N MET A 603 10.51 3.86 9.27
CA MET A 603 11.42 4.94 8.89
C MET A 603 12.77 4.82 9.58
N ILE A 604 12.84 4.11 10.70
CA ILE A 604 14.14 3.76 11.27
C ILE A 604 14.86 2.78 10.37
N GLY A 605 14.12 1.89 9.71
CA GLY A 605 14.72 0.83 8.93
C GLY A 605 15.57 1.29 7.77
N ILE A 606 15.31 2.48 7.25
CA ILE A 606 16.14 3.02 6.16
C ILE A 606 17.45 3.59 6.66
N LEU A 607 17.72 3.51 7.96
CA LEU A 607 18.99 3.97 8.52
C LEU A 607 19.83 2.83 9.08
N THR A 608 19.26 1.65 9.28
CA THR A 608 20.00 0.52 9.81
C THR A 608 20.86 -0.09 8.71
N PRO A 609 22.17 -0.21 8.90
CA PRO A 609 23.07 -0.43 7.77
C PRO A 609 23.38 -1.90 7.49
N PRO A 610 22.41 -2.80 7.45
CA PRO A 610 22.54 -3.92 6.51
C PRO A 610 21.91 -3.59 5.18
N MET A 611 20.86 -2.76 5.22
CA MET A 611 20.15 -2.33 4.02
C MET A 611 19.41 -1.05 4.38
N GLY A 612 19.98 0.09 4.01
CA GLY A 612 19.33 1.37 4.27
C GLY A 612 19.26 2.23 3.04
N MET A 613 18.06 2.56 2.59
CA MET A 613 17.91 3.36 1.39
C MET A 613 18.39 4.79 1.62
N ALA A 614 18.08 5.36 2.79
CA ALA A 614 18.51 6.72 3.09
C ALA A 614 20.03 6.82 3.12
N LEU A 615 20.70 5.81 3.69
CA LEU A 615 22.16 5.80 3.70
C LEU A 615 22.72 5.81 2.28
N PHE A 616 22.15 4.99 1.40
CA PHE A 616 22.63 4.95 0.01
C PHE A 616 22.40 6.28 -0.69
N VAL A 617 21.22 6.88 -0.52
CA VAL A 617 20.93 8.15 -1.18
C VAL A 617 21.87 9.24 -0.68
N VAL A 618 22.11 9.29 0.63
CA VAL A 618 23.00 10.31 1.17
C VAL A 618 24.43 10.07 0.72
N ALA A 619 24.85 8.81 0.64
CA ALA A 619 26.20 8.52 0.13
C ALA A 619 26.34 8.96 -1.32
N GLN A 620 25.30 8.76 -2.13
CA GLN A 620 25.36 9.21 -3.52
C GLN A 620 25.43 10.73 -3.62
N VAL A 621 24.57 11.43 -2.87
CA VAL A 621 24.49 12.88 -3.03
C VAL A 621 25.63 13.60 -2.34
N GLY A 622 26.29 12.97 -1.38
CA GLY A 622 27.36 13.61 -0.63
C GLY A 622 28.76 13.25 -1.04
N LYS A 623 28.93 12.38 -2.04
CA LYS A 623 30.24 11.94 -2.50
C LYS A 623 31.05 11.33 -1.36
N MET A 624 30.38 10.56 -0.50
CA MET A 624 31.01 9.91 0.63
C MET A 624 30.58 8.45 0.68
N SER A 625 31.40 7.64 1.33
CA SER A 625 31.16 6.21 1.39
C SER A 625 29.89 5.90 2.17
N VAL A 626 29.26 4.77 1.85
CA VAL A 626 28.10 4.33 2.60
C VAL A 626 28.50 3.98 4.03
N SER A 627 29.70 3.44 4.22
CA SER A 627 30.15 3.10 5.57
C SER A 627 30.30 4.34 6.44
N THR A 628 30.79 5.44 5.87
CA THR A 628 30.92 6.67 6.63
C THR A 628 29.56 7.19 7.08
N VAL A 629 28.57 7.17 6.18
CA VAL A 629 27.22 7.59 6.54
C VAL A 629 26.63 6.68 7.60
N ALA A 630 26.85 5.36 7.44
CA ALA A 630 26.30 4.40 8.40
C ALA A 630 26.90 4.59 9.78
N LYS A 631 28.21 4.82 9.85
CA LYS A 631 28.85 5.05 11.14
C LYS A 631 28.45 6.39 11.74
N GLY A 632 28.26 7.41 10.91
CA GLY A 632 27.90 8.72 11.41
C GLY A 632 26.46 8.90 11.81
N VAL A 633 25.58 7.94 11.48
CA VAL A 633 24.18 8.05 11.85
C VAL A 633 23.87 7.36 13.17
N LEU A 634 24.81 6.58 13.71
CA LEU A 634 24.58 5.92 15.00
C LEU A 634 24.29 6.89 16.14
N PRO A 635 24.99 8.01 16.29
CA PRO A 635 24.61 8.94 17.36
C PRO A 635 23.19 9.47 17.24
N PHE A 636 22.65 9.56 16.03
CA PHE A 636 21.33 10.14 15.81
C PHE A 636 20.22 9.10 15.77
N LEU A 637 20.54 7.82 15.91
CA LEU A 637 19.50 6.82 16.07
C LEU A 637 18.90 6.85 17.47
N LEU A 638 19.67 7.30 18.46
CA LEU A 638 19.19 7.32 19.83
C LEU A 638 17.97 8.23 20.02
N PRO A 639 17.97 9.49 19.56
CA PRO A 639 16.75 10.30 19.72
C PRO A 639 15.54 9.73 19.00
N ILE A 640 15.74 9.07 17.87
CA ILE A 640 14.63 8.42 17.17
C ILE A 640 14.06 7.29 18.02
N PHE A 641 14.92 6.48 18.64
CA PHE A 641 14.45 5.45 19.55
C PHE A 641 13.73 6.04 20.74
N ILE A 642 14.23 7.16 21.26
CA ILE A 642 13.55 7.82 22.38
C ILE A 642 12.15 8.27 21.99
N THR A 643 12.02 8.85 20.80
CA THR A 643 10.70 9.24 20.31
C THR A 643 9.78 8.03 20.14
N LEU A 644 10.31 6.94 19.60
CA LEU A 644 9.51 5.74 19.42
C LEU A 644 9.02 5.21 20.76
N VAL A 645 9.90 5.17 21.77
CA VAL A 645 9.53 4.68 23.08
C VAL A 645 8.47 5.58 23.71
N ILE A 646 8.68 6.90 23.67
CA ILE A 646 7.76 7.80 24.35
C ILE A 646 6.44 7.98 23.60
N ILE A 647 6.35 7.56 22.34
CA ILE A 647 5.03 7.50 21.72
C ILE A 647 4.40 6.14 21.91
N THR A 648 5.20 5.08 22.09
CA THR A 648 4.63 3.77 22.36
C THR A 648 4.01 3.72 23.74
N ILE A 649 4.69 4.27 24.75
CA ILE A 649 4.20 4.19 26.12
C ILE A 649 3.38 5.40 26.53
N PHE A 650 3.18 6.37 25.62
CA PHE A 650 2.26 7.49 25.83
C PHE A 650 1.41 7.66 24.58
N PRO A 651 0.46 6.74 24.34
CA PRO A 651 -0.34 6.83 23.10
C PRO A 651 -1.19 8.09 23.01
N GLN A 652 -1.48 8.74 24.14
CA GLN A 652 -2.31 9.94 24.12
C GLN A 652 -1.63 11.13 23.47
N ILE A 653 -0.31 11.08 23.30
CA ILE A 653 0.38 12.14 22.56
C ILE A 653 -0.04 12.13 21.09
N ILE A 654 -0.09 10.95 20.50
CA ILE A 654 -0.40 10.84 19.07
C ILE A 654 -1.85 11.21 18.82
N LEU A 655 -2.77 10.68 19.61
CA LEU A 655 -4.20 10.80 19.35
C LEU A 655 -4.79 12.01 20.08
N PHE A 656 -4.30 13.19 19.73
CA PHE A 656 -4.87 14.44 20.21
C PHE A 656 -5.51 15.25 19.09
N LEU A 657 -4.76 15.54 18.04
CA LEU A 657 -5.33 16.27 16.91
C LEU A 657 -6.49 15.52 16.26
N PRO A 658 -6.42 14.22 15.97
CA PRO A 658 -7.62 13.53 15.47
C PRO A 658 -8.79 13.59 16.42
N ASN A 659 -8.53 13.52 17.72
CA ASN A 659 -9.59 13.55 18.71
C ASN A 659 -9.81 14.95 19.27
N VAL B 2 -27.65 -35.34 -0.78
CA VAL B 2 -27.39 -34.36 0.27
C VAL B 2 -28.60 -33.45 0.47
N GLN B 3 -29.17 -33.50 1.67
CA GLN B 3 -30.36 -32.75 2.01
C GLN B 3 -30.07 -31.84 3.21
N LEU B 4 -30.52 -30.60 3.11
CA LEU B 4 -30.42 -29.65 4.21
C LEU B 4 -31.74 -28.91 4.34
N GLN B 5 -32.28 -28.87 5.56
CA GLN B 5 -33.53 -28.17 5.81
C GLN B 5 -33.34 -27.15 6.92
N GLU B 6 -33.80 -25.92 6.68
CA GLU B 6 -33.64 -24.85 7.64
C GLU B 6 -34.77 -24.88 8.66
N SER B 7 -34.60 -24.08 9.71
CA SER B 7 -35.59 -23.97 10.77
C SER B 7 -35.40 -22.63 11.47
N GLY B 8 -36.51 -22.01 11.85
CA GLY B 8 -36.44 -20.74 12.55
C GLY B 8 -36.22 -19.57 11.62
N GLY B 9 -36.78 -18.42 11.96
CA GLY B 9 -36.70 -17.24 11.14
C GLY B 9 -37.91 -16.37 11.36
N GLY B 10 -38.11 -15.43 10.45
CA GLY B 10 -39.26 -14.55 10.55
C GLY B 10 -38.90 -13.11 10.80
N LEU B 11 -39.73 -12.38 11.53
CA LEU B 11 -39.54 -10.96 11.76
C LEU B 11 -39.21 -10.70 13.23
N VAL B 12 -38.25 -9.80 13.45
CA VAL B 12 -37.85 -9.37 14.79
C VAL B 12 -37.56 -7.87 14.76
N GLN B 13 -37.34 -7.31 15.94
CA GLN B 13 -36.98 -5.91 16.06
C GLN B 13 -35.46 -5.77 15.98
N ALA B 14 -34.95 -4.57 16.26
CA ALA B 14 -33.52 -4.32 16.22
C ALA B 14 -32.88 -4.94 17.46
N GLY B 15 -32.24 -6.09 17.28
CA GLY B 15 -31.65 -6.83 18.37
C GLY B 15 -32.45 -8.01 18.85
N GLY B 16 -33.16 -8.70 17.95
CA GLY B 16 -34.05 -9.78 18.32
C GLY B 16 -33.37 -11.08 18.68
N SER B 17 -32.10 -11.23 18.37
CA SER B 17 -31.31 -12.42 18.74
C SER B 17 -31.96 -13.69 18.21
N LEU B 18 -32.04 -13.76 16.89
CA LEU B 18 -32.66 -14.92 16.24
C LEU B 18 -31.75 -16.14 16.34
N ARG B 19 -32.30 -17.29 16.02
CA ARG B 19 -31.54 -18.56 16.07
C ARG B 19 -31.97 -19.41 14.88
N LEU B 20 -31.23 -19.30 13.78
CA LEU B 20 -31.45 -20.17 12.64
C LEU B 20 -30.84 -21.54 12.90
N SER B 21 -31.45 -22.56 12.31
CA SER B 21 -30.94 -23.92 12.44
C SER B 21 -30.98 -24.59 11.09
N CYS B 22 -30.12 -25.59 10.92
CA CYS B 22 -30.03 -26.34 9.66
C CYS B 22 -29.80 -27.80 10.01
N THR B 23 -30.80 -28.63 9.79
CA THR B 23 -30.68 -30.07 9.97
C THR B 23 -30.32 -30.70 8.64
N THR B 24 -29.21 -31.41 8.61
CA THR B 24 -28.63 -31.89 7.37
C THR B 24 -28.37 -33.37 7.43
N SER B 25 -28.51 -34.04 6.29
CA SER B 25 -28.33 -35.48 6.20
C SER B 25 -27.91 -35.85 4.79
N GLY B 26 -27.32 -37.03 4.66
CA GLY B 26 -26.88 -37.53 3.38
C GLY B 26 -25.38 -37.55 3.17
N PHE B 27 -24.59 -37.22 4.18
CA PHE B 27 -23.14 -37.22 4.06
C PHE B 27 -22.53 -37.39 5.44
N ASN B 28 -21.21 -37.27 5.53
CA ASN B 28 -20.50 -37.30 6.80
C ASN B 28 -20.42 -35.89 7.35
N PHE B 29 -20.98 -35.68 8.55
CA PHE B 29 -21.08 -34.34 9.09
C PHE B 29 -19.72 -33.71 9.33
N ASP B 30 -18.70 -34.52 9.62
CA ASP B 30 -17.38 -33.99 9.95
C ASP B 30 -16.51 -33.74 8.74
N ASP B 31 -16.69 -34.49 7.66
CA ASP B 31 -15.86 -34.32 6.47
C ASP B 31 -16.34 -33.19 5.57
N TYR B 32 -17.55 -32.70 5.76
CA TYR B 32 -18.14 -31.69 4.90
C TYR B 32 -18.14 -30.34 5.59
N ALA B 33 -17.62 -29.32 4.91
CA ALA B 33 -17.71 -27.96 5.41
C ALA B 33 -19.13 -27.46 5.27
N ILE B 34 -19.74 -27.04 6.38
CA ILE B 34 -21.12 -26.58 6.38
C ILE B 34 -21.12 -25.11 6.75
N GLY B 35 -22.19 -24.41 6.40
CA GLY B 35 -22.22 -22.99 6.70
C GLY B 35 -23.49 -22.35 6.21
N TRP B 36 -23.50 -21.02 6.31
CA TRP B 36 -24.65 -20.18 5.97
C TRP B 36 -24.18 -19.00 5.14
N PHE B 37 -24.97 -18.64 4.13
CA PHE B 37 -24.75 -17.40 3.40
C PHE B 37 -26.06 -16.63 3.32
N ARG B 38 -25.94 -15.34 2.97
CA ARG B 38 -27.06 -14.41 2.98
C ARG B 38 -27.21 -13.78 1.61
N GLN B 39 -28.45 -13.68 1.14
CA GLN B 39 -28.77 -12.94 -0.09
C GLN B 39 -29.82 -11.89 0.24
N ALA B 40 -29.47 -10.63 -0.01
CA ALA B 40 -30.37 -9.52 0.25
C ALA B 40 -31.42 -9.41 -0.85
N PRO B 41 -32.53 -8.73 -0.59
CA PRO B 41 -33.55 -8.55 -1.64
C PRO B 41 -33.08 -7.61 -2.74
N GLY B 42 -32.21 -8.11 -3.62
CA GLY B 42 -31.73 -7.32 -4.73
C GLY B 42 -30.23 -7.06 -4.69
N LYS B 43 -29.47 -7.95 -4.08
CA LYS B 43 -28.03 -7.81 -3.96
C LYS B 43 -27.37 -9.16 -4.22
N GLU B 44 -26.08 -9.13 -4.50
CA GLU B 44 -25.31 -10.34 -4.70
C GLU B 44 -25.14 -11.08 -3.38
N ARG B 45 -25.12 -12.41 -3.46
CA ARG B 45 -25.05 -13.24 -2.26
C ARG B 45 -23.75 -12.99 -1.49
N GLU B 46 -23.87 -13.01 -0.16
CA GLU B 46 -22.74 -12.74 0.73
C GLU B 46 -22.61 -13.90 1.71
N GLY B 47 -21.39 -14.39 1.89
CA GLY B 47 -21.17 -15.45 2.85
C GLY B 47 -21.24 -14.93 4.28
N VAL B 48 -21.80 -15.74 5.17
CA VAL B 48 -21.99 -15.37 6.57
C VAL B 48 -21.06 -16.15 7.49
N SER B 49 -21.13 -17.48 7.46
CA SER B 49 -20.34 -18.24 8.40
C SER B 49 -20.17 -19.67 7.90
N CYS B 50 -19.23 -20.40 8.49
CA CYS B 50 -19.06 -21.81 8.18
C CYS B 50 -18.28 -22.49 9.29
N ILE B 51 -18.61 -23.76 9.52
CA ILE B 51 -17.84 -24.66 10.37
C ILE B 51 -17.26 -25.76 9.49
N HIS B 52 -16.15 -26.34 9.97
CA HIS B 52 -15.33 -27.33 9.28
C HIS B 52 -14.60 -26.75 8.07
N CYS B 53 -14.77 -25.46 7.78
CA CYS B 53 -14.10 -24.84 6.65
C CYS B 53 -12.67 -24.44 7.00
N THR B 54 -12.52 -23.55 7.98
CA THR B 54 -11.21 -23.10 8.41
C THR B 54 -10.56 -24.14 9.33
N ALA B 55 -9.23 -24.08 9.42
CA ALA B 55 -8.48 -25.09 10.16
C ALA B 55 -8.77 -25.03 11.66
N TYR B 56 -8.77 -23.84 12.24
CA TYR B 56 -8.85 -23.69 13.69
C TYR B 56 -10.20 -23.17 14.16
N THR B 57 -10.63 -22.00 13.69
CA THR B 57 -11.83 -21.38 14.23
C THR B 57 -12.85 -21.13 13.12
N PRO B 58 -14.14 -21.12 13.44
CA PRO B 58 -15.15 -20.88 12.42
C PRO B 58 -14.97 -19.54 11.73
N TYR B 59 -15.23 -19.52 10.43
CA TYR B 59 -15.14 -18.29 9.66
C TYR B 59 -16.38 -17.44 9.89
N TYR B 60 -16.17 -16.13 10.08
CA TYR B 60 -17.24 -15.17 10.25
C TYR B 60 -17.03 -14.00 9.31
N ALA B 61 -18.11 -13.50 8.73
CA ALA B 61 -18.00 -12.33 7.87
C ALA B 61 -17.66 -11.10 8.72
N ARG B 62 -17.08 -10.10 8.06
CA ARG B 62 -16.65 -8.91 8.77
C ARG B 62 -17.83 -8.16 9.38
N SER B 63 -18.99 -8.19 8.72
CA SER B 63 -20.16 -7.49 9.20
C SER B 63 -21.05 -8.33 10.11
N VAL B 64 -20.73 -9.60 10.31
CA VAL B 64 -21.44 -10.46 11.25
C VAL B 64 -20.52 -10.95 12.36
N ARG B 65 -19.28 -10.46 12.41
CA ARG B 65 -18.35 -10.88 13.44
C ARG B 65 -18.77 -10.34 14.80
N ASP B 66 -18.51 -11.12 15.84
CA ASP B 66 -18.72 -10.72 17.24
C ASP B 66 -20.18 -10.56 17.61
N ARG B 67 -21.09 -10.77 16.67
CA ARG B 67 -22.51 -10.78 16.97
C ARG B 67 -23.25 -11.96 16.34
N PHE B 68 -22.55 -12.81 15.61
CA PHE B 68 -23.07 -14.08 15.12
C PHE B 68 -22.19 -15.20 15.64
N THR B 69 -22.80 -16.27 16.12
CA THR B 69 -22.04 -17.44 16.57
C THR B 69 -22.62 -18.69 15.90
N ILE B 70 -21.74 -19.48 15.29
CA ILE B 70 -22.15 -20.72 14.65
C ILE B 70 -21.72 -21.89 15.53
N SER B 71 -22.63 -22.83 15.74
CA SER B 71 -22.39 -23.95 16.63
C SER B 71 -22.78 -25.25 15.94
N SER B 72 -22.12 -26.32 16.33
CA SER B 72 -22.40 -27.65 15.80
C SER B 72 -23.16 -28.49 16.82
N ASP B 73 -23.89 -29.47 16.32
CA ASP B 73 -24.65 -30.39 17.16
C ASP B 73 -24.46 -31.82 16.64
N ASN B 74 -23.21 -32.23 16.45
CA ASN B 74 -22.95 -33.44 15.69
C ASN B 74 -23.32 -34.70 16.47
N ALA B 75 -24.58 -34.76 16.87
CA ALA B 75 -25.30 -35.94 17.34
C ALA B 75 -26.62 -36.11 16.60
N THR B 76 -27.30 -35.01 16.29
CA THR B 76 -28.43 -35.00 15.37
C THR B 76 -28.08 -34.37 14.03
N ASN B 77 -26.79 -34.08 13.81
CA ASN B 77 -26.30 -33.49 12.56
C ASN B 77 -27.00 -32.16 12.27
N THR B 78 -26.77 -31.20 13.17
CA THR B 78 -27.43 -29.90 13.10
C THR B 78 -26.39 -28.80 13.21
N VAL B 79 -26.64 -27.70 12.51
CA VAL B 79 -25.79 -26.50 12.57
C VAL B 79 -26.66 -25.33 12.98
N PHE B 80 -26.27 -24.63 14.02
CA PHE B 80 -27.04 -23.50 14.54
C PHE B 80 -26.29 -22.20 14.26
N LEU B 81 -27.04 -21.15 13.92
CA LEU B 81 -26.50 -19.81 13.78
C LEU B 81 -27.30 -18.90 14.70
N GLN B 82 -26.65 -18.43 15.76
CA GLN B 82 -27.26 -17.52 16.72
C GLN B 82 -26.86 -16.09 16.35
N MET B 83 -27.84 -15.26 16.05
CA MET B 83 -27.62 -13.87 15.68
C MET B 83 -28.09 -12.96 16.80
N ASN B 84 -27.22 -12.08 17.25
CA ASN B 84 -27.53 -11.12 18.30
C ASN B 84 -27.28 -9.71 17.79
N ASN B 85 -28.06 -8.76 18.30
CA ASN B 85 -27.98 -7.35 17.92
C ASN B 85 -28.19 -7.18 16.41
N LEU B 86 -29.33 -7.66 15.93
CA LEU B 86 -29.65 -7.64 14.50
C LEU B 86 -29.93 -6.21 14.07
N ARG B 87 -29.07 -5.66 13.22
CA ARG B 87 -29.32 -4.36 12.64
C ARG B 87 -30.43 -4.45 11.60
N PRO B 88 -31.09 -3.33 11.29
CA PRO B 88 -32.13 -3.35 10.25
C PRO B 88 -31.60 -3.61 8.84
N GLU B 89 -30.29 -3.80 8.67
CA GLU B 89 -29.72 -4.13 7.38
C GLU B 89 -29.53 -5.63 7.18
N ASP B 90 -29.99 -6.44 8.13
CA ASP B 90 -29.88 -7.90 8.03
C ASP B 90 -31.13 -8.54 7.43
N THR B 91 -32.09 -7.75 6.97
CA THR B 91 -33.28 -8.28 6.32
C THR B 91 -32.90 -8.93 5.01
N ALA B 92 -32.86 -10.25 4.97
CA ALA B 92 -32.40 -10.96 3.79
C ALA B 92 -32.94 -12.38 3.83
N VAL B 93 -32.37 -13.26 3.01
CA VAL B 93 -32.70 -14.68 3.01
C VAL B 93 -31.42 -15.45 3.32
N TYR B 94 -31.47 -16.32 4.32
CA TYR B 94 -30.32 -17.10 4.74
C TYR B 94 -30.44 -18.52 4.23
N TYR B 95 -29.41 -18.98 3.52
CA TYR B 95 -29.37 -20.31 2.94
C TYR B 95 -28.29 -21.12 3.63
N CYS B 96 -28.62 -22.35 3.99
CA CYS B 96 -27.67 -23.30 4.55
C CYS B 96 -27.01 -24.08 3.43
N VAL B 97 -25.68 -24.16 3.46
CA VAL B 97 -24.89 -24.73 2.39
C VAL B 97 -23.92 -25.74 2.96
N ALA B 98 -23.54 -26.71 2.13
CA ALA B 98 -22.54 -27.71 2.50
C ALA B 98 -21.68 -28.01 1.28
N ASP B 99 -20.44 -28.44 1.53
CA ASP B 99 -19.52 -28.67 0.43
C ASP B 99 -18.43 -29.63 0.88
N ALA B 100 -17.96 -30.46 -0.05
CA ALA B 100 -16.93 -31.44 0.27
C ALA B 100 -15.54 -30.83 0.39
N THR B 101 -15.34 -29.63 -0.16
CA THR B 101 -14.07 -28.93 -0.06
C THR B 101 -14.13 -28.00 1.14
N ARG B 102 -13.17 -28.14 2.05
CA ARG B 102 -13.18 -27.42 3.32
C ARG B 102 -12.41 -26.11 3.14
N TYR B 103 -13.06 -25.15 2.50
CA TYR B 103 -12.52 -23.82 2.35
C TYR B 103 -13.58 -22.79 2.69
N PRO B 104 -13.17 -21.65 3.27
CA PRO B 104 -14.14 -20.70 3.85
C PRO B 104 -14.81 -19.81 2.80
N TYR B 105 -15.54 -20.43 1.88
CA TYR B 105 -16.27 -19.71 0.84
C TYR B 105 -17.70 -20.25 0.79
N PRO B 106 -18.53 -19.89 1.75
CA PRO B 106 -19.88 -20.49 1.82
C PRO B 106 -20.82 -20.07 0.70
N GLU B 107 -20.58 -18.95 0.02
CA GLU B 107 -21.46 -18.56 -1.06
C GLU B 107 -21.21 -19.34 -2.35
N PHE B 108 -20.09 -20.07 -2.43
CA PHE B 108 -19.77 -20.89 -3.60
C PHE B 108 -19.88 -22.39 -3.29
N TYR B 109 -20.52 -22.74 -2.18
CA TYR B 109 -20.68 -24.15 -1.82
C TYR B 109 -21.65 -24.84 -2.77
N ASP B 110 -21.39 -26.11 -3.03
CA ASP B 110 -22.14 -26.85 -4.04
C ASP B 110 -23.61 -26.98 -3.68
N TYR B 111 -23.90 -27.46 -2.47
CA TYR B 111 -25.26 -27.73 -2.04
C TYR B 111 -25.83 -26.52 -1.31
N VAL B 112 -27.15 -26.37 -1.38
CA VAL B 112 -27.82 -25.22 -0.77
C VAL B 112 -29.23 -25.64 -0.36
N GLY B 113 -29.68 -25.13 0.79
CA GLY B 113 -31.01 -25.40 1.28
C GLY B 113 -32.05 -24.43 0.75
N GLN B 114 -33.27 -24.59 1.23
CA GLN B 114 -34.37 -23.77 0.75
C GLN B 114 -34.17 -22.29 1.10
N GLY B 115 -33.72 -22.01 2.31
CA GLY B 115 -33.53 -20.65 2.76
C GLY B 115 -34.66 -20.16 3.65
N THR B 116 -34.35 -19.15 4.46
CA THR B 116 -35.31 -18.61 5.41
C THR B 116 -35.27 -17.09 5.37
N GLN B 117 -36.44 -16.47 5.47
CA GLN B 117 -36.54 -15.02 5.47
C GLN B 117 -36.29 -14.47 6.86
N VAL B 118 -35.38 -13.50 6.96
CA VAL B 118 -35.09 -12.82 8.21
C VAL B 118 -35.36 -11.34 7.99
N THR B 119 -36.33 -10.81 8.73
CA THR B 119 -36.72 -9.41 8.64
C THR B 119 -36.42 -8.73 9.97
N VAL B 120 -35.78 -7.56 9.90
CA VAL B 120 -35.42 -6.79 11.09
C VAL B 120 -36.06 -5.41 10.94
N SER B 121 -36.90 -5.05 11.91
CA SER B 121 -37.60 -3.78 11.85
C SER B 121 -37.23 -2.87 13.02
#